data_6JYJ
#
_entry.id   6JYJ
#
_cell.length_a   59.605
_cell.length_b   76.120
_cell.length_c   135.075
_cell.angle_alpha   90.000
_cell.angle_beta   96.510
_cell.angle_gamma   90.000
#
_symmetry.space_group_name_H-M   'P 1 21 1'
#
loop_
_entity.id
_entity.type
_entity.pdbx_description
1 polymer 'Terminal nucleotidyltransferase 5B'
2 non-polymer 'CITRATE ANION'
3 water water
#
_entity_poly.entity_id   1
_entity_poly.type   'polypeptide(L)'
_entity_poly.pdbx_seq_one_letter_code
;GPHMGGSMSSALSQASPTAPRFSVLSWPQVRRLDAILCESVPIHGRGNFPTLSCRPRDLVQVVRSRLEQKGILVHNVRLN
GSAASYVLHHDSGLGYKDLDLIFMVDLKGPDAFQVVKHAVLNCLLDFLPSGVNKEKITPMTLKEAYVQKLVKVCTESDRW
SLISLSNNSGKNMELKFVDSLRRQFEFSVDSFQIILDSMLMFSQCSENPMSQSFHPTVTGESMYGDFEEAMDHLRNRIIA
TRNPEEIRGGGLLKYCNLLVRGFRPKSEVDMKTMQRYMCSRYFIDFPDIREQQRKLKCYLQDHFVGMEDKRYDYLMTLHQ
VVNESTVCLMGHERRQTLALIASLAVHVLSEQNHPQAVPTFTCYYQPAPYIGEVNYNSYYFTPVQPLMSCSHSYQTWLPC
CN
;
_entity_poly.pdbx_strand_id   A,B,C
#
# COMPACT_ATOMS: atom_id res chain seq x y z
N ALA A 19 -18.70 42.00 -20.56
CA ALA A 19 -19.27 41.15 -19.51
C ALA A 19 -20.46 40.26 -19.95
N PRO A 20 -20.54 39.82 -21.20
CA PRO A 20 -21.71 39.04 -21.63
C PRO A 20 -21.75 37.67 -20.96
N ARG A 21 -22.97 37.19 -20.75
CA ARG A 21 -23.20 35.90 -20.12
C ARG A 21 -23.27 34.75 -21.13
N PHE A 22 -23.04 35.03 -22.41
CA PHE A 22 -23.07 34.01 -23.45
C PHE A 22 -21.74 33.99 -24.19
N SER A 23 -21.42 32.82 -24.76
CA SER A 23 -20.21 32.66 -25.54
C SER A 23 -20.38 31.47 -26.47
N VAL A 24 -19.71 31.53 -27.61
CA VAL A 24 -19.68 30.41 -28.56
C VAL A 24 -18.49 29.53 -28.20
N LEU A 25 -18.71 28.22 -28.22
CA LEU A 25 -17.67 27.29 -27.84
C LEU A 25 -16.58 27.21 -28.89
N SER A 26 -15.36 26.92 -28.44
CA SER A 26 -14.25 26.68 -29.34
C SER A 26 -14.27 25.22 -29.81
N TRP A 27 -13.36 24.91 -30.74
CA TRP A 27 -13.32 23.55 -31.27
C TRP A 27 -12.97 22.50 -30.22
N PRO A 28 -11.92 22.66 -29.40
CA PRO A 28 -11.68 21.65 -28.34
C PRO A 28 -12.87 21.47 -27.41
N GLN A 29 -13.61 22.54 -27.13
CA GLN A 29 -14.81 22.41 -26.32
C GLN A 29 -15.90 21.65 -27.07
N VAL A 30 -16.10 21.97 -28.35
CA VAL A 30 -17.07 21.24 -29.15
C VAL A 30 -16.66 19.78 -29.28
N ARG A 31 -15.36 19.51 -29.43
CA ARG A 31 -14.90 18.13 -29.52
C ARG A 31 -15.23 17.34 -28.25
N ARG A 32 -15.02 17.96 -27.08
CA ARG A 32 -15.34 17.28 -25.84
C ARG A 32 -16.84 17.16 -25.62
N LEU A 33 -17.61 18.17 -26.06
CA LEU A 33 -19.06 18.06 -25.95
C LEU A 33 -19.59 16.92 -26.80
N ASP A 34 -19.07 16.76 -28.02
CA ASP A 34 -19.50 15.65 -28.87
C ASP A 34 -19.14 14.32 -28.26
N ALA A 35 -17.99 14.24 -27.58
CA ALA A 35 -17.61 13.01 -26.91
C ALA A 35 -18.66 12.62 -25.86
N ILE A 36 -19.01 13.56 -24.98
CA ILE A 36 -19.97 13.27 -23.91
C ILE A 36 -21.31 12.82 -24.50
N LEU A 37 -21.75 13.48 -25.58
CA LEU A 37 -23.03 13.13 -26.18
C LEU A 37 -23.01 11.76 -26.84
N CYS A 38 -21.84 11.27 -27.24
CA CYS A 38 -21.73 9.98 -27.90
C CYS A 38 -21.30 8.85 -26.98
N GLU A 39 -20.80 9.15 -25.78
CA GLU A 39 -20.39 8.10 -24.85
C GLU A 39 -21.60 7.34 -24.33
N SER A 40 -21.55 6.01 -24.40
CA SER A 40 -22.65 5.20 -23.89
C SER A 40 -22.64 5.20 -22.38
N VAL A 41 -23.82 5.37 -21.79
CA VAL A 41 -23.98 5.43 -20.35
C VAL A 41 -24.97 4.37 -19.88
N PRO A 42 -24.70 3.68 -18.77
CA PRO A 42 -25.64 2.67 -18.27
C PRO A 42 -26.74 3.27 -17.41
N ILE A 43 -27.92 2.68 -17.52
CA ILE A 43 -29.07 3.07 -16.72
C ILE A 43 -29.49 1.84 -15.92
N HIS A 44 -29.14 1.82 -14.64
CA HIS A 44 -29.37 0.64 -13.80
C HIS A 44 -30.87 0.42 -13.57
N GLY A 45 -31.27 -0.85 -13.63
CA GLY A 45 -32.64 -1.25 -13.35
C GLY A 45 -32.74 -2.01 -12.03
N ARG A 46 -33.62 -1.52 -11.16
CA ARG A 46 -33.90 -2.21 -9.90
C ARG A 46 -34.64 -3.51 -10.18
N GLY A 47 -34.32 -4.54 -9.40
CA GLY A 47 -34.99 -5.82 -9.58
C GLY A 47 -34.56 -6.53 -10.86
N ASN A 48 -35.53 -7.14 -11.54
CA ASN A 48 -35.25 -7.96 -12.71
C ASN A 48 -35.05 -7.15 -13.97
N PHE A 49 -35.11 -5.82 -13.90
CA PHE A 49 -34.98 -5.00 -15.10
C PHE A 49 -33.54 -5.00 -15.61
N PRO A 50 -33.36 -5.08 -16.93
CA PRO A 50 -32.00 -5.08 -17.49
C PRO A 50 -31.36 -3.70 -17.41
N THR A 51 -30.03 -3.68 -17.32
CA THR A 51 -29.30 -2.42 -17.30
C THR A 51 -29.24 -1.85 -18.71
N LEU A 52 -29.85 -0.68 -18.90
CA LEU A 52 -29.92 -0.05 -20.21
C LEU A 52 -28.59 0.60 -20.58
N SER A 53 -28.39 0.79 -21.88
CA SER A 53 -27.22 1.48 -22.41
C SER A 53 -27.67 2.40 -23.53
N CYS A 54 -27.47 3.70 -23.35
CA CYS A 54 -27.95 4.69 -24.31
C CYS A 54 -26.93 5.81 -24.45
N ARG A 55 -26.92 6.44 -25.63
CA ARG A 55 -26.11 7.64 -25.76
C ARG A 55 -26.93 8.88 -25.39
N PRO A 56 -26.32 9.84 -24.70
CA PRO A 56 -27.06 11.05 -24.29
C PRO A 56 -27.74 11.77 -25.44
N ARG A 57 -27.09 11.86 -26.61
CA ARG A 57 -27.76 12.47 -27.76
C ARG A 57 -29.03 11.70 -28.14
N ASP A 58 -28.98 10.37 -28.04
CA ASP A 58 -30.16 9.57 -28.35
C ASP A 58 -31.26 9.78 -27.31
N LEU A 59 -30.90 9.78 -26.03
CA LEU A 59 -31.91 9.98 -24.99
C LEU A 59 -32.56 11.35 -25.11
N VAL A 60 -31.76 12.39 -25.37
CA VAL A 60 -32.32 13.72 -25.57
C VAL A 60 -33.25 13.73 -26.77
N GLN A 61 -32.83 13.08 -27.86
CA GLN A 61 -33.64 13.06 -29.08
C GLN A 61 -34.97 12.34 -28.85
N VAL A 62 -34.92 11.16 -28.23
CA VAL A 62 -36.14 10.39 -28.02
C VAL A 62 -37.06 11.07 -27.01
N VAL A 63 -36.48 11.69 -25.98
CA VAL A 63 -37.31 12.38 -24.99
C VAL A 63 -37.93 13.63 -25.60
N ARG A 64 -37.14 14.41 -26.34
CA ARG A 64 -37.66 15.62 -26.95
C ARG A 64 -38.74 15.31 -27.97
N SER A 65 -38.52 14.29 -28.82
CA SER A 65 -39.50 13.93 -29.83
C SER A 65 -40.85 13.57 -29.19
N ARG A 66 -40.82 12.71 -28.18
CA ARG A 66 -42.07 12.24 -27.58
C ARG A 66 -42.76 13.37 -26.81
N LEU A 67 -41.99 14.24 -26.17
CA LEU A 67 -42.59 15.42 -25.52
C LEU A 67 -43.32 16.28 -26.54
N GLU A 68 -42.68 16.56 -27.69
CA GLU A 68 -43.32 17.37 -28.71
C GLU A 68 -44.52 16.67 -29.33
N GLN A 69 -44.49 15.33 -29.39
CA GLN A 69 -45.64 14.58 -29.88
C GLN A 69 -46.85 14.77 -28.96
N LYS A 70 -46.62 14.84 -27.65
CA LYS A 70 -47.68 14.99 -26.68
C LYS A 70 -48.08 16.46 -26.46
N GLY A 71 -47.61 17.36 -27.31
CA GLY A 71 -48.06 18.74 -27.27
C GLY A 71 -47.23 19.67 -26.41
N ILE A 72 -46.19 19.18 -25.75
CA ILE A 72 -45.35 20.00 -24.89
C ILE A 72 -44.22 20.60 -25.72
N LEU A 73 -44.17 21.92 -25.78
CA LEU A 73 -43.14 22.61 -26.56
C LEU A 73 -41.78 22.45 -25.88
N VAL A 74 -40.77 22.11 -26.67
CA VAL A 74 -39.40 22.01 -26.20
C VAL A 74 -38.59 23.06 -26.95
N HIS A 75 -38.25 24.16 -26.27
CA HIS A 75 -37.53 25.25 -26.91
C HIS A 75 -36.09 24.86 -27.22
N ASN A 76 -35.37 24.32 -26.23
CA ASN A 76 -33.99 23.90 -26.42
C ASN A 76 -33.59 23.02 -25.26
N VAL A 77 -32.46 22.32 -25.42
CA VAL A 77 -31.92 21.42 -24.42
C VAL A 77 -30.49 21.83 -24.11
N ARG A 78 -30.12 21.77 -22.83
CA ARG A 78 -28.81 22.21 -22.38
C ARG A 78 -28.14 21.13 -21.56
N LEU A 79 -26.81 21.22 -21.47
CA LEU A 79 -26.00 20.38 -20.59
C LEU A 79 -25.46 21.25 -19.47
N ASN A 80 -25.77 20.88 -18.23
CA ASN A 80 -25.39 21.62 -17.03
C ASN A 80 -24.42 20.77 -16.21
N GLY A 81 -24.36 21.04 -14.91
CA GLY A 81 -23.50 20.31 -14.02
C GLY A 81 -22.03 20.58 -14.29
N SER A 82 -21.20 19.77 -13.62
CA SER A 82 -19.77 19.84 -13.84
C SER A 82 -19.37 19.32 -15.22
N ALA A 83 -20.25 18.55 -15.86
CA ALA A 83 -19.96 18.08 -17.21
C ALA A 83 -19.77 19.22 -18.19
N ALA A 84 -20.60 20.26 -18.07
CA ALA A 84 -20.46 21.43 -18.94
C ALA A 84 -19.13 22.14 -18.67
N SER A 85 -18.70 22.17 -17.41
CA SER A 85 -17.41 22.78 -17.09
C SER A 85 -16.27 21.97 -17.68
N TYR A 86 -16.39 20.64 -17.70
CA TYR A 86 -15.37 19.81 -18.33
C TYR A 86 -15.33 20.04 -19.83
N VAL A 87 -16.48 20.23 -20.45
CA VAL A 87 -16.52 20.55 -21.88
C VAL A 87 -15.76 21.84 -22.14
N LEU A 88 -16.01 22.86 -21.33
CA LEU A 88 -15.38 24.16 -21.51
C LEU A 88 -13.93 24.19 -21.04
N HIS A 89 -13.54 23.28 -20.16
CA HIS A 89 -12.18 23.27 -19.62
C HIS A 89 -11.92 21.86 -19.10
N HIS A 90 -11.23 21.05 -19.91
CA HIS A 90 -10.95 19.67 -19.54
C HIS A 90 -10.17 19.55 -18.24
N ASP A 91 -9.30 20.52 -17.94
CA ASP A 91 -8.48 20.45 -16.73
C ASP A 91 -9.22 21.02 -15.51
N SER A 92 -10.53 20.85 -15.46
CA SER A 92 -11.32 21.34 -14.33
C SER A 92 -11.19 20.40 -13.14
N GLY A 93 -10.84 20.97 -11.99
CA GLY A 93 -10.68 20.21 -10.75
C GLY A 93 -11.98 19.63 -10.25
N LEU A 94 -13.07 19.96 -10.95
CA LEU A 94 -14.38 19.48 -10.57
C LEU A 94 -14.66 18.05 -11.03
N GLY A 95 -14.14 17.63 -12.16
CA GLY A 95 -14.50 16.30 -12.59
C GLY A 95 -15.94 16.39 -13.07
N TYR A 96 -16.54 15.24 -13.35
CA TYR A 96 -17.98 15.21 -13.59
C TYR A 96 -18.52 13.83 -13.27
N LYS A 97 -19.39 13.78 -12.26
CA LYS A 97 -20.11 12.56 -11.87
C LYS A 97 -21.51 12.51 -12.44
N ASP A 98 -22.22 13.63 -12.43
CA ASP A 98 -23.60 13.69 -12.93
C ASP A 98 -23.62 14.12 -14.39
N LEU A 99 -24.64 13.66 -15.10
CA LEU A 99 -24.92 14.12 -16.45
C LEU A 99 -26.24 14.87 -16.38
N ASP A 100 -26.16 16.19 -16.32
CA ASP A 100 -27.33 17.04 -16.07
C ASP A 100 -27.85 17.58 -17.41
N LEU A 101 -29.02 17.11 -17.80
CA LEU A 101 -29.68 17.54 -19.03
C LEU A 101 -30.89 18.37 -18.67
N ILE A 102 -30.94 19.61 -19.16
CA ILE A 102 -32.01 20.54 -18.87
C ILE A 102 -32.83 20.75 -20.15
N PHE A 103 -34.12 20.43 -20.08
CA PHE A 103 -35.05 20.62 -21.18
C PHE A 103 -35.86 21.90 -20.95
N MET A 104 -35.70 22.88 -21.83
CA MET A 104 -36.49 24.11 -21.79
C MET A 104 -37.86 23.79 -22.37
N VAL A 105 -38.85 23.57 -21.52
CA VAL A 105 -40.17 23.14 -21.95
C VAL A 105 -41.20 24.13 -21.43
N ASP A 106 -42.41 24.02 -21.97
CA ASP A 106 -43.55 24.84 -21.55
C ASP A 106 -44.47 23.93 -20.74
N LEU A 107 -44.52 24.16 -19.43
CA LEU A 107 -45.28 23.31 -18.52
C LEU A 107 -46.57 23.94 -18.02
N LYS A 108 -46.96 25.13 -18.51
CA LYS A 108 -48.20 25.71 -18.04
C LYS A 108 -49.44 25.01 -18.58
N GLY A 109 -49.28 24.06 -19.49
CA GLY A 109 -50.39 23.29 -20.00
C GLY A 109 -51.00 22.35 -18.96
N PRO A 110 -52.17 21.82 -19.28
CA PRO A 110 -52.84 20.92 -18.33
C PRO A 110 -52.13 19.59 -18.20
N ASP A 111 -51.95 19.15 -16.95
CA ASP A 111 -51.34 17.86 -16.63
C ASP A 111 -49.94 17.72 -17.24
N ALA A 112 -49.23 18.84 -17.39
CA ALA A 112 -47.95 18.83 -18.08
C ALA A 112 -46.93 17.98 -17.34
N PHE A 113 -46.95 18.01 -16.00
CA PHE A 113 -46.00 17.24 -15.22
C PHE A 113 -46.18 15.74 -15.43
N GLN A 114 -47.43 15.28 -15.46
CA GLN A 114 -47.68 13.86 -15.67
C GLN A 114 -47.32 13.45 -17.10
N VAL A 115 -47.55 14.34 -18.07
CA VAL A 115 -47.20 14.04 -19.46
C VAL A 115 -45.69 13.92 -19.62
N VAL A 116 -44.93 14.81 -18.97
CA VAL A 116 -43.48 14.72 -19.02
C VAL A 116 -43.00 13.42 -18.39
N LYS A 117 -43.56 13.08 -17.22
CA LYS A 117 -43.19 11.84 -16.54
C LYS A 117 -43.45 10.64 -17.43
N HIS A 118 -44.66 10.53 -17.97
CA HIS A 118 -45.00 9.37 -18.79
C HIS A 118 -44.20 9.36 -20.09
N ALA A 119 -43.81 10.53 -20.59
CA ALA A 119 -42.99 10.59 -21.80
C ALA A 119 -41.62 9.98 -21.56
N VAL A 120 -40.98 10.34 -20.43
CA VAL A 120 -39.67 9.80 -20.11
C VAL A 120 -39.77 8.30 -19.82
N LEU A 121 -40.82 7.89 -19.09
CA LEU A 121 -41.02 6.47 -18.84
C LEU A 121 -41.20 5.71 -20.14
N ASN A 122 -41.92 6.30 -21.10
CA ASN A 122 -42.09 5.65 -22.40
C ASN A 122 -40.77 5.58 -23.15
N CYS A 123 -39.86 6.54 -22.92
CA CYS A 123 -38.54 6.48 -23.55
C CYS A 123 -37.72 5.31 -23.00
N LEU A 124 -37.74 5.12 -21.67
CA LEU A 124 -37.08 3.96 -21.09
C LEU A 124 -37.64 2.66 -21.68
N LEU A 125 -38.92 2.64 -21.99
CA LEU A 125 -39.53 1.47 -22.63
C LEU A 125 -38.91 1.20 -23.99
N ASP A 126 -38.52 2.26 -24.71
CA ASP A 126 -37.95 2.09 -26.04
C ASP A 126 -36.54 1.50 -25.97
N PHE A 127 -35.76 1.88 -24.96
CA PHE A 127 -34.39 1.38 -24.84
C PHE A 127 -34.33 -0.02 -24.26
N LEU A 128 -35.47 -0.64 -23.97
CA LEU A 128 -35.50 -2.01 -23.46
C LEU A 128 -35.28 -2.99 -24.61
N PRO A 129 -34.58 -4.10 -24.35
CA PRO A 129 -34.34 -5.09 -25.41
C PRO A 129 -35.62 -5.79 -25.84
N SER A 130 -35.51 -6.69 -26.81
CA SER A 130 -36.67 -7.38 -27.36
C SER A 130 -37.32 -8.25 -26.30
N GLY A 131 -38.52 -7.84 -25.85
CA GLY A 131 -39.25 -8.59 -24.85
C GLY A 131 -40.48 -7.83 -24.38
N VAL A 132 -41.60 -8.53 -24.25
CA VAL A 132 -42.84 -7.95 -23.77
C VAL A 132 -43.30 -6.82 -24.69
N LYS A 136 -45.37 -3.65 -23.25
CA LYS A 136 -46.62 -3.55 -22.50
C LYS A 136 -46.35 -3.57 -20.99
N ILE A 137 -45.29 -2.85 -20.60
CA ILE A 137 -44.84 -2.78 -19.21
C ILE A 137 -45.37 -1.49 -18.63
N THR A 138 -45.97 -1.57 -17.44
CA THR A 138 -46.68 -0.41 -16.91
C THR A 138 -45.69 0.72 -16.61
N PRO A 139 -46.15 1.97 -16.68
CA PRO A 139 -45.27 3.10 -16.31
C PRO A 139 -44.81 3.07 -14.86
N MET A 140 -45.67 2.64 -13.94
CA MET A 140 -45.28 2.59 -12.54
C MET A 140 -44.17 1.57 -12.29
N THR A 141 -44.15 0.48 -13.06
CA THR A 141 -43.10 -0.52 -12.90
C THR A 141 -41.78 -0.04 -13.49
N LEU A 142 -41.82 0.78 -14.55
CA LEU A 142 -40.60 1.37 -15.08
C LEU A 142 -40.05 2.43 -14.15
N LYS A 143 -40.93 3.17 -13.48
CA LYS A 143 -40.48 4.21 -12.55
C LYS A 143 -39.69 3.61 -11.40
N GLU A 144 -40.24 2.56 -10.77
CA GLU A 144 -39.55 1.91 -9.67
C GLU A 144 -38.25 1.23 -10.10
N ALA A 145 -38.10 0.94 -11.40
CA ALA A 145 -36.94 0.22 -11.89
C ALA A 145 -35.75 1.14 -12.19
N TYR A 146 -36.01 2.29 -12.81
CA TYR A 146 -34.95 3.15 -13.31
C TYR A 146 -34.92 4.54 -12.68
N VAL A 147 -36.03 5.01 -12.13
CA VAL A 147 -36.08 6.36 -11.57
C VAL A 147 -35.57 6.32 -10.13
N GLN A 148 -34.47 7.04 -9.88
CA GLN A 148 -33.89 7.12 -8.55
C GLN A 148 -34.47 8.27 -7.74
N LYS A 149 -35.00 9.28 -8.41
CA LYS A 149 -35.57 10.45 -7.73
C LYS A 149 -36.55 11.12 -8.68
N LEU A 150 -37.62 11.65 -8.12
CA LEU A 150 -38.60 12.41 -8.90
C LEU A 150 -38.96 13.64 -8.09
N VAL A 151 -38.76 14.82 -8.68
CA VAL A 151 -39.03 16.09 -8.02
C VAL A 151 -40.00 16.89 -8.87
N LYS A 152 -40.91 17.60 -8.23
CA LYS A 152 -41.88 18.44 -8.91
C LYS A 152 -42.07 19.72 -8.11
N VAL A 153 -41.91 20.87 -8.76
CA VAL A 153 -42.03 22.16 -8.11
C VAL A 153 -42.96 23.03 -8.95
N CYS A 154 -44.08 23.47 -8.35
CA CYS A 154 -45.08 24.27 -9.05
C CYS A 154 -45.48 25.48 -8.20
N THR A 155 -45.12 26.68 -8.65
CA THR A 155 -45.47 27.92 -7.98
C THR A 155 -45.57 29.02 -9.01
N GLU A 156 -45.99 30.22 -8.56
CA GLU A 156 -46.08 31.37 -9.46
C GLU A 156 -44.73 31.84 -9.97
N SER A 157 -43.63 31.48 -9.30
CA SER A 157 -42.30 31.93 -9.69
C SER A 157 -41.45 30.84 -10.32
N ASP A 158 -41.46 29.63 -9.76
CA ASP A 158 -40.66 28.53 -10.25
C ASP A 158 -41.56 27.37 -10.63
N ARG A 159 -41.41 26.87 -11.85
CA ARG A 159 -42.17 25.72 -12.31
C ARG A 159 -41.23 24.81 -13.10
N TRP A 160 -40.96 23.63 -12.55
CA TRP A 160 -40.04 22.69 -13.18
C TRP A 160 -40.23 21.32 -12.54
N SER A 161 -39.64 20.31 -13.19
CA SER A 161 -39.69 18.94 -12.70
C SER A 161 -38.34 18.29 -13.00
N LEU A 162 -38.05 17.22 -12.26
CA LEU A 162 -36.78 16.53 -12.40
C LEU A 162 -37.01 15.03 -12.28
N ILE A 163 -36.41 14.26 -13.17
CA ILE A 163 -36.47 12.81 -13.17
C ILE A 163 -35.03 12.32 -13.21
N SER A 164 -34.58 11.67 -12.13
CA SER A 164 -33.19 11.27 -11.99
C SER A 164 -33.05 9.78 -12.26
N LEU A 165 -32.08 9.43 -13.10
CA LEU A 165 -31.74 8.04 -13.38
C LEU A 165 -30.36 7.72 -12.85
N SER A 166 -30.15 6.46 -12.48
CA SER A 166 -28.93 6.02 -11.83
C SER A 166 -28.01 5.34 -12.82
N ASN A 167 -26.75 5.79 -12.85
CA ASN A 167 -25.70 5.14 -13.63
C ASN A 167 -24.93 4.10 -12.81
N ASN A 168 -25.54 3.60 -11.73
CA ASN A 168 -25.09 2.44 -10.94
C ASN A 168 -23.63 2.55 -10.47
N SER A 169 -23.09 3.75 -10.38
CA SER A 169 -21.76 3.93 -9.83
C SER A 169 -21.67 5.19 -8.97
N GLY A 170 -22.75 5.53 -8.28
CA GLY A 170 -22.87 6.83 -7.66
C GLY A 170 -23.19 7.95 -8.63
N LYS A 171 -23.01 7.70 -9.93
CA LYS A 171 -23.33 8.69 -10.95
C LYS A 171 -24.84 8.78 -11.13
N ASN A 172 -25.31 9.98 -11.47
CA ASN A 172 -26.73 10.22 -11.68
C ASN A 172 -26.93 10.92 -13.01
N MET A 173 -27.98 10.52 -13.73
CA MET A 173 -28.42 11.20 -14.94
C MET A 173 -29.73 11.91 -14.60
N GLU A 174 -29.66 13.22 -14.46
CA GLU A 174 -30.79 14.03 -14.05
C GLU A 174 -31.39 14.70 -15.28
N LEU A 175 -32.66 14.38 -15.55
CA LEU A 175 -33.42 15.02 -16.63
C LEU A 175 -34.30 16.08 -16.00
N LYS A 176 -33.91 17.34 -16.15
CA LYS A 176 -34.62 18.45 -15.55
C LYS A 176 -35.42 19.16 -16.62
N PHE A 177 -36.70 19.42 -16.34
CA PHE A 177 -37.62 20.03 -17.29
C PHE A 177 -38.08 21.34 -16.67
N VAL A 178 -37.49 22.45 -17.12
CA VAL A 178 -37.68 23.75 -16.48
C VAL A 178 -38.56 24.61 -17.36
N ASP A 179 -39.69 25.06 -16.80
CA ASP A 179 -40.51 26.10 -17.39
C ASP A 179 -40.08 27.46 -16.87
N SER A 180 -39.95 27.58 -15.54
CA SER A 180 -39.48 28.82 -14.93
C SER A 180 -38.65 28.45 -13.70
N LEU A 181 -37.45 29.05 -13.61
CA LEU A 181 -36.55 28.81 -12.49
C LEU A 181 -35.65 30.03 -12.37
N ARG A 182 -35.73 30.73 -11.24
CA ARG A 182 -35.03 32.00 -11.10
C ARG A 182 -33.52 31.78 -11.07
N ARG A 183 -33.05 30.89 -10.21
CA ARG A 183 -31.61 30.66 -10.03
C ARG A 183 -31.28 29.21 -10.35
N GLN A 184 -30.33 29.02 -11.26
CA GLN A 184 -29.89 27.70 -11.68
C GLN A 184 -28.39 27.51 -11.48
N PHE A 185 -27.85 28.10 -10.42
CA PHE A 185 -26.42 28.01 -10.16
C PHE A 185 -26.16 28.28 -8.68
N GLU A 186 -25.10 27.65 -8.17
CA GLU A 186 -24.58 27.95 -6.84
C GLU A 186 -23.29 28.75 -6.90
N PHE A 187 -22.27 28.23 -7.58
CA PHE A 187 -21.00 28.93 -7.74
C PHE A 187 -20.69 29.10 -9.22
N SER A 188 -19.75 30.00 -9.50
CA SER A 188 -19.44 30.35 -10.88
C SER A 188 -18.83 29.19 -11.67
N VAL A 189 -18.12 28.29 -11.00
CA VAL A 189 -17.38 27.25 -11.72
C VAL A 189 -18.24 26.11 -12.20
N ASP A 190 -19.48 25.97 -11.71
CA ASP A 190 -20.40 24.94 -12.17
C ASP A 190 -21.71 25.53 -12.68
N SER A 191 -21.65 26.76 -13.20
CA SER A 191 -22.84 27.51 -13.58
C SER A 191 -23.06 27.56 -15.10
N PHE A 192 -22.47 26.62 -15.85
CA PHE A 192 -22.51 26.66 -17.30
C PHE A 192 -23.59 25.73 -17.83
N GLN A 193 -24.38 26.23 -18.78
CA GLN A 193 -25.32 25.42 -19.54
C GLN A 193 -24.99 25.56 -21.03
N ILE A 194 -24.78 24.43 -21.69
CA ILE A 194 -24.38 24.39 -23.09
C ILE A 194 -25.57 23.91 -23.91
N ILE A 195 -26.09 24.80 -24.77
CA ILE A 195 -27.22 24.44 -25.62
C ILE A 195 -26.79 23.40 -26.63
N LEU A 196 -27.56 22.32 -26.73
CA LEU A 196 -27.20 21.16 -27.53
C LEU A 196 -27.89 21.11 -28.90
N ASP A 197 -28.82 22.02 -29.17
CA ASP A 197 -29.66 21.89 -30.36
C ASP A 197 -28.83 21.86 -31.64
N SER A 198 -27.79 22.68 -31.74
CA SER A 198 -26.96 22.70 -32.93
C SER A 198 -26.15 21.43 -33.10
N MET A 199 -25.91 20.69 -32.01
CA MET A 199 -25.17 19.43 -32.11
C MET A 199 -26.04 18.28 -32.60
N LEU A 200 -27.31 18.24 -32.17
CA LEU A 200 -28.17 17.13 -32.53
C LEU A 200 -28.58 17.15 -34.00
N MET A 201 -28.77 18.34 -34.57
CA MET A 201 -29.13 18.45 -35.97
C MET A 201 -27.96 18.17 -36.91
N PHE A 202 -26.73 18.21 -36.39
CA PHE A 202 -25.55 17.99 -37.22
C PHE A 202 -25.64 16.65 -37.96
N SER A 203 -25.82 15.56 -37.21
CA SER A 203 -26.00 14.26 -37.84
C SER A 203 -27.43 14.07 -38.32
N GLN A 204 -28.40 14.18 -37.42
CA GLN A 204 -29.80 14.07 -37.77
C GLN A 204 -30.34 15.37 -38.33
N ASN A 208 -21.39 11.16 -39.95
CA ASN A 208 -20.13 11.72 -40.40
C ASN A 208 -19.21 12.14 -39.26
N PRO A 209 -17.91 12.18 -39.52
CA PRO A 209 -16.97 12.61 -38.49
C PRO A 209 -16.93 14.12 -38.36
N MET A 210 -16.69 14.58 -37.14
CA MET A 210 -16.57 16.00 -36.85
C MET A 210 -15.10 16.40 -36.88
N SER A 211 -14.81 17.58 -37.41
CA SER A 211 -13.43 18.04 -37.55
C SER A 211 -13.33 19.49 -37.11
N GLN A 212 -12.09 19.99 -37.07
CA GLN A 212 -11.85 21.38 -36.70
C GLN A 212 -12.34 22.34 -37.78
N SER A 213 -12.10 22.00 -39.04
CA SER A 213 -12.56 22.83 -40.15
C SER A 213 -14.02 22.57 -40.52
N PHE A 214 -14.70 21.69 -39.80
CA PHE A 214 -16.09 21.36 -40.14
C PHE A 214 -16.76 20.84 -38.86
N HIS A 215 -17.38 21.75 -38.11
CA HIS A 215 -18.07 21.41 -36.88
C HIS A 215 -19.14 22.46 -36.61
N PRO A 216 -20.22 22.10 -35.95
CA PRO A 216 -21.31 23.06 -35.72
C PRO A 216 -20.93 24.11 -34.69
N THR A 217 -21.59 25.26 -34.77
CA THR A 217 -21.42 26.33 -33.81
C THR A 217 -22.33 26.11 -32.62
N VAL A 218 -21.78 26.21 -31.42
CA VAL A 218 -22.49 25.93 -30.18
C VAL A 218 -22.42 27.15 -29.29
N THR A 219 -23.56 27.51 -28.68
CA THR A 219 -23.63 28.64 -27.76
C THR A 219 -23.75 28.13 -26.34
N GLY A 220 -22.95 28.71 -25.45
CA GLY A 220 -23.01 28.39 -24.03
C GLY A 220 -23.47 29.60 -23.23
N GLU A 221 -24.08 29.34 -22.08
CA GLU A 221 -24.55 30.40 -21.20
C GLU A 221 -24.02 30.17 -19.79
N SER A 222 -23.60 31.25 -19.14
CA SER A 222 -23.19 31.22 -17.74
C SER A 222 -24.32 31.77 -16.89
N MET A 223 -24.92 30.90 -16.06
CA MET A 223 -25.95 31.36 -15.13
C MET A 223 -25.39 32.30 -14.07
N TYR A 224 -24.07 32.31 -13.90
CA TYR A 224 -23.42 33.26 -13.00
C TYR A 224 -23.49 34.68 -13.53
N GLY A 225 -23.67 34.87 -14.83
CA GLY A 225 -23.90 36.17 -15.42
C GLY A 225 -22.75 36.71 -16.25
N ASP A 226 -21.59 36.07 -16.20
CA ASP A 226 -20.42 36.55 -16.94
C ASP A 226 -19.63 35.33 -17.37
N PHE A 227 -19.65 35.03 -18.67
CA PHE A 227 -19.03 33.80 -19.16
C PHE A 227 -17.52 33.83 -18.96
N GLU A 228 -16.87 34.95 -19.31
CA GLU A 228 -15.42 35.01 -19.23
C GLU A 228 -14.93 35.08 -17.78
N GLU A 229 -15.67 35.78 -16.92
CA GLU A 229 -15.29 35.82 -15.51
C GLU A 229 -15.43 34.45 -14.86
N ALA A 230 -16.46 33.70 -15.22
CA ALA A 230 -16.63 32.36 -14.69
C ALA A 230 -15.57 31.41 -15.25
N MET A 231 -15.21 31.57 -16.52
CA MET A 231 -14.13 30.79 -17.09
C MET A 231 -12.80 31.09 -16.41
N ASP A 232 -12.62 32.32 -15.92
CA ASP A 232 -11.41 32.64 -15.17
C ASP A 232 -11.39 31.93 -13.83
N HIS A 233 -12.54 31.88 -13.15
CA HIS A 233 -12.64 31.14 -11.90
C HIS A 233 -12.41 29.65 -12.12
N LEU A 234 -12.80 29.13 -13.28
CA LEU A 234 -12.60 27.72 -13.58
C LEU A 234 -11.13 27.41 -13.84
N ARG A 235 -10.43 28.29 -14.56
CA ARG A 235 -9.02 28.04 -14.84
C ARG A 235 -8.16 28.26 -13.62
N ASN A 236 -8.51 29.23 -12.77
CA ASN A 236 -7.71 29.56 -11.60
C ASN A 236 -8.23 28.91 -10.32
N ARG A 237 -9.32 28.14 -10.41
CA ARG A 237 -9.91 27.42 -9.28
C ARG A 237 -10.26 28.39 -8.14
N ILE A 238 -11.26 29.22 -8.43
CA ILE A 238 -11.75 30.24 -7.52
C ILE A 238 -13.19 29.91 -7.13
N ILE A 239 -13.49 30.06 -5.85
CA ILE A 239 -14.85 29.92 -5.34
C ILE A 239 -15.47 31.30 -5.29
N ALA A 240 -16.53 31.51 -6.06
CA ALA A 240 -17.21 32.79 -6.11
C ALA A 240 -18.68 32.55 -6.44
N THR A 241 -19.52 33.51 -6.06
CA THR A 241 -20.95 33.41 -6.29
C THR A 241 -21.54 34.81 -6.39
N ARG A 242 -22.84 34.87 -6.63
CA ARG A 242 -23.60 36.11 -6.69
C ARG A 242 -24.92 35.92 -5.96
N ASN A 243 -25.28 36.88 -5.12
CA ASN A 243 -26.44 36.81 -4.25
C ASN A 243 -26.34 35.58 -3.35
N PRO A 244 -25.39 35.56 -2.42
CA PRO A 244 -25.23 34.38 -1.55
C PRO A 244 -26.41 34.15 -0.61
N GLU A 245 -27.30 35.12 -0.45
CA GLU A 245 -28.48 34.93 0.39
C GLU A 245 -29.46 33.93 -0.22
N GLU A 246 -29.44 33.76 -1.54
CA GLU A 246 -30.31 32.80 -2.23
C GLU A 246 -29.80 31.37 -2.17
N ILE A 247 -28.54 31.15 -1.79
CA ILE A 247 -27.99 29.80 -1.74
C ILE A 247 -28.76 28.93 -0.75
N ARG A 248 -29.04 27.69 -1.15
CA ARG A 248 -29.76 26.70 -0.35
C ARG A 248 -28.85 26.10 0.73
N GLY A 249 -29.44 25.27 1.58
CA GLY A 249 -28.67 24.64 2.65
C GLY A 249 -27.56 23.75 2.12
N GLY A 250 -27.81 23.06 1.01
CA GLY A 250 -26.81 22.19 0.41
C GLY A 250 -25.61 22.91 -0.17
N GLY A 251 -25.68 24.23 -0.31
CA GLY A 251 -24.53 24.97 -0.83
C GLY A 251 -23.29 24.82 0.03
N LEU A 252 -23.47 24.68 1.35
CA LEU A 252 -22.33 24.45 2.23
C LEU A 252 -21.62 23.15 1.88
N LEU A 253 -22.38 22.11 1.54
CA LEU A 253 -21.77 20.82 1.22
C LEU A 253 -20.96 20.91 -0.07
N LYS A 254 -21.49 21.59 -1.09
CA LYS A 254 -20.74 21.78 -2.33
C LYS A 254 -19.51 22.65 -2.10
N TYR A 255 -19.63 23.66 -1.24
CA TYR A 255 -18.51 24.56 -0.95
C TYR A 255 -17.31 23.79 -0.41
N CYS A 256 -17.53 22.92 0.57
CA CYS A 256 -16.42 22.14 1.13
C CYS A 256 -15.87 21.16 0.11
N ASN A 257 -16.71 20.67 -0.80
CA ASN A 257 -16.22 19.84 -1.89
C ASN A 257 -15.26 20.63 -2.78
N LEU A 258 -15.57 21.90 -3.04
CA LEU A 258 -14.68 22.74 -3.84
C LEU A 258 -13.35 22.97 -3.13
N LEU A 259 -13.38 23.14 -1.81
CA LEU A 259 -12.15 23.38 -1.07
C LEU A 259 -11.23 22.18 -1.11
N VAL A 260 -11.79 20.97 -0.98
CA VAL A 260 -10.99 19.76 -1.02
C VAL A 260 -10.38 19.57 -2.41
N ARG A 261 -11.05 20.04 -3.46
CA ARG A 261 -10.57 19.89 -4.82
C ARG A 261 -9.60 20.99 -5.24
N GLY A 262 -9.21 21.88 -4.33
CA GLY A 262 -8.24 22.91 -4.62
C GLY A 262 -8.82 24.26 -4.96
N PHE A 263 -10.14 24.39 -5.01
CA PHE A 263 -10.76 25.69 -5.24
C PHE A 263 -10.76 26.50 -3.95
N ARG A 264 -10.45 27.78 -4.06
CA ARG A 264 -10.32 28.65 -2.90
C ARG A 264 -11.03 29.97 -3.17
N PRO A 265 -11.57 30.59 -2.12
CA PRO A 265 -12.24 31.89 -2.31
C PRO A 265 -11.26 32.95 -2.81
N LYS A 266 -11.82 33.97 -3.46
CA LYS A 266 -11.01 34.97 -4.12
C LYS A 266 -10.33 35.90 -3.13
N SER A 267 -10.91 36.09 -1.93
CA SER A 267 -10.30 36.90 -0.90
C SER A 267 -10.79 36.43 0.46
N GLU A 268 -10.14 36.95 1.51
CA GLU A 268 -10.53 36.56 2.87
C GLU A 268 -11.92 37.08 3.22
N VAL A 269 -12.24 38.31 2.81
CA VAL A 269 -13.56 38.86 3.07
C VAL A 269 -14.61 38.06 2.33
N ASP A 270 -14.32 37.69 1.07
CA ASP A 270 -15.23 36.87 0.29
C ASP A 270 -15.45 35.51 0.95
N MET A 271 -14.42 34.95 1.58
CA MET A 271 -14.56 33.65 2.22
C MET A 271 -15.49 33.72 3.43
N LYS A 272 -15.27 34.69 4.32
CA LYS A 272 -16.08 34.77 5.53
C LYS A 272 -17.53 35.07 5.21
N THR A 273 -17.78 35.90 4.20
CA THR A 273 -19.15 36.22 3.82
C THR A 273 -19.89 34.98 3.30
N MET A 274 -19.30 34.29 2.32
CA MET A 274 -19.95 33.10 1.76
C MET A 274 -20.22 32.06 2.82
N GLN A 275 -19.22 31.78 3.67
CA GLN A 275 -19.36 30.70 4.64
C GLN A 275 -20.44 31.03 5.68
N ARG A 276 -20.54 32.30 6.07
CA ARG A 276 -21.57 32.69 7.03
C ARG A 276 -22.97 32.45 6.47
N TYR A 277 -23.19 32.74 5.18
CA TYR A 277 -24.50 32.50 4.59
C TYR A 277 -24.79 31.01 4.47
N MET A 278 -23.81 30.23 4.03
CA MET A 278 -24.04 28.80 3.81
C MET A 278 -24.24 28.08 5.14
N CYS A 279 -23.52 28.49 6.18
CA CYS A 279 -23.76 27.89 7.49
C CYS A 279 -25.14 28.26 8.01
N SER A 280 -25.54 29.53 7.84
CA SER A 280 -26.84 29.98 8.32
C SER A 280 -27.97 29.25 7.59
N ARG A 281 -27.84 29.11 6.27
CA ARG A 281 -28.86 28.42 5.49
C ARG A 281 -28.85 26.92 5.75
N TYR A 282 -27.69 26.35 6.06
CA TYR A 282 -27.59 24.93 6.40
C TYR A 282 -28.47 24.59 7.60
N PHE A 283 -28.40 25.41 8.66
CA PHE A 283 -29.21 25.13 9.85
C PHE A 283 -30.70 25.42 9.60
N ILE A 284 -31.01 26.38 8.73
CA ILE A 284 -32.41 26.67 8.42
C ILE A 284 -33.05 25.50 7.68
N ASP A 285 -32.37 24.98 6.66
CA ASP A 285 -32.96 23.90 5.87
C ASP A 285 -32.94 22.57 6.60
N PHE A 286 -31.93 22.34 7.45
CA PHE A 286 -31.76 21.07 8.15
C PHE A 286 -31.59 21.33 9.64
N PRO A 287 -32.67 21.72 10.34
CA PRO A 287 -32.55 21.97 11.77
C PRO A 287 -32.33 20.71 12.58
N ASP A 288 -33.01 19.62 12.21
CA ASP A 288 -32.88 18.37 12.96
C ASP A 288 -31.51 17.76 12.70
N ILE A 289 -30.79 17.45 13.80
CA ILE A 289 -29.47 16.84 13.65
C ILE A 289 -29.59 15.45 13.05
N ARG A 290 -30.75 14.78 13.25
CA ARG A 290 -30.99 13.50 12.61
C ARG A 290 -31.11 13.66 11.10
N GLU A 291 -31.69 14.79 10.66
CA GLU A 291 -31.75 15.08 9.23
C GLU A 291 -30.37 15.38 8.68
N GLN A 292 -29.53 16.06 9.47
CA GLN A 292 -28.17 16.34 9.04
C GLN A 292 -27.36 15.06 8.87
N GLN A 293 -27.48 14.12 9.79
CA GLN A 293 -26.72 12.87 9.71
C GLN A 293 -27.12 12.08 8.47
N ARG A 294 -28.42 12.01 8.18
CA ARG A 294 -28.89 11.26 7.03
C ARG A 294 -28.41 11.89 5.73
N LYS A 295 -28.48 13.22 5.61
CA LYS A 295 -27.99 13.87 4.39
C LYS A 295 -26.47 13.79 4.29
N LEU A 296 -25.77 13.93 5.42
CA LEU A 296 -24.31 13.89 5.38
C LEU A 296 -23.81 12.49 5.03
N LYS A 297 -24.46 11.45 5.55
CA LYS A 297 -24.11 10.09 5.15
C LYS A 297 -24.34 9.87 3.67
N CYS A 298 -25.43 10.41 3.13
CA CYS A 298 -25.70 10.27 1.71
C CYS A 298 -24.67 11.00 0.86
N TYR A 299 -24.28 12.21 1.27
CA TYR A 299 -23.30 12.97 0.51
C TYR A 299 -21.95 12.26 0.48
N LEU A 300 -21.52 11.69 1.61
CA LEU A 300 -20.24 10.99 1.64
C LEU A 300 -20.27 9.76 0.74
N GLN A 301 -21.40 9.06 0.71
CA GLN A 301 -21.50 7.84 -0.10
C GLN A 301 -21.54 8.16 -1.59
N ASP A 302 -22.12 9.29 -1.97
CA ASP A 302 -22.36 9.59 -3.38
C ASP A 302 -21.20 10.30 -4.05
N HIS A 303 -20.42 11.09 -3.32
CA HIS A 303 -19.44 11.99 -3.92
C HIS A 303 -18.00 11.53 -3.72
N PHE A 304 -17.78 10.31 -3.21
CA PHE A 304 -16.44 9.82 -2.95
C PHE A 304 -16.30 8.37 -3.37
N VAL A 305 -16.87 8.03 -4.53
CA VAL A 305 -16.81 6.65 -5.02
C VAL A 305 -15.40 6.30 -5.46
N GLY A 306 -14.69 7.25 -6.05
CA GLY A 306 -13.31 7.04 -6.44
C GLY A 306 -12.29 7.56 -5.46
N MET A 307 -12.72 8.08 -4.32
CA MET A 307 -11.83 8.74 -3.38
C MET A 307 -12.40 8.65 -1.96
N GLU A 308 -12.60 7.43 -1.48
CA GLU A 308 -13.14 7.24 -0.13
C GLU A 308 -12.20 7.79 0.94
N ASP A 309 -10.89 7.81 0.67
CA ASP A 309 -9.94 8.33 1.64
C ASP A 309 -10.11 9.83 1.84
N LYS A 310 -10.51 10.54 0.79
CA LYS A 310 -10.72 11.99 0.88
C LYS A 310 -11.92 12.36 1.74
N ARG A 311 -12.70 11.38 2.19
CA ARG A 311 -13.84 11.67 3.06
C ARG A 311 -13.40 12.33 4.35
N TYR A 312 -12.25 11.91 4.90
CA TYR A 312 -11.75 12.52 6.13
C TYR A 312 -11.43 14.00 5.90
N ASP A 313 -10.70 14.31 4.83
CA ASP A 313 -10.38 15.70 4.53
C ASP A 313 -11.64 16.53 4.35
N TYR A 314 -12.67 15.96 3.74
CA TYR A 314 -13.92 16.69 3.54
C TYR A 314 -14.58 17.02 4.87
N LEU A 315 -14.68 16.03 5.76
CA LEU A 315 -15.34 16.26 7.05
C LEU A 315 -14.55 17.24 7.90
N MET A 316 -13.21 17.19 7.84
CA MET A 316 -12.40 18.18 8.53
C MET A 316 -12.61 19.57 7.95
N THR A 317 -12.75 19.65 6.62
CA THR A 317 -13.06 20.94 6.00
C THR A 317 -14.43 21.43 6.44
N LEU A 318 -15.44 20.57 6.41
CA LEU A 318 -16.77 20.95 6.84
C LEU A 318 -16.79 21.33 8.31
N HIS A 319 -16.06 20.58 9.14
CA HIS A 319 -15.97 20.90 10.57
C HIS A 319 -15.39 22.30 10.79
N GLN A 320 -14.34 22.65 10.05
CA GLN A 320 -13.72 23.96 10.22
C GLN A 320 -14.68 25.08 9.83
N VAL A 321 -15.35 24.93 8.68
CA VAL A 321 -16.23 25.98 8.19
C VAL A 321 -17.37 26.23 9.16
N VAL A 322 -18.03 25.15 9.61
CA VAL A 322 -19.11 25.28 10.57
C VAL A 322 -18.63 25.93 11.86
N ASN A 323 -17.44 25.53 12.33
CA ASN A 323 -16.93 26.06 13.59
C ASN A 323 -16.60 27.55 13.50
N GLU A 324 -16.16 28.03 12.33
CA GLU A 324 -15.65 29.38 12.19
C GLU A 324 -16.66 30.37 11.63
N SER A 325 -17.82 29.92 11.15
CA SER A 325 -18.76 30.80 10.48
C SER A 325 -20.18 30.74 11.03
N THR A 326 -20.41 29.96 12.08
CA THR A 326 -21.72 29.89 12.73
C THR A 326 -21.88 31.07 13.68
N VAL A 327 -22.88 31.91 13.41
CA VAL A 327 -23.12 33.07 14.28
C VAL A 327 -23.23 32.60 15.72
N CYS A 328 -22.71 33.42 16.64
CA CYS A 328 -22.66 33.06 18.05
C CYS A 328 -24.03 33.01 18.72
N LEU A 329 -25.11 33.22 17.99
CA LEU A 329 -26.43 32.98 18.55
C LEU A 329 -26.85 31.52 18.48
N MET A 330 -26.27 30.77 17.55
CA MET A 330 -26.61 29.37 17.31
C MET A 330 -25.56 28.43 17.91
N GLY A 331 -25.12 28.72 19.14
CA GLY A 331 -24.05 27.94 19.74
C GLY A 331 -24.41 26.48 19.92
N HIS A 332 -25.67 26.21 20.32
CA HIS A 332 -26.10 24.83 20.48
C HIS A 332 -26.08 24.09 19.15
N GLU A 333 -26.55 24.73 18.07
CA GLU A 333 -26.52 24.11 16.75
C GLU A 333 -25.09 23.85 16.31
N ARG A 334 -24.20 24.85 16.48
CA ARG A 334 -22.81 24.67 16.09
C ARG A 334 -22.17 23.50 16.83
N ARG A 335 -22.36 23.43 18.14
CA ARG A 335 -21.80 22.33 18.92
C ARG A 335 -22.47 21.00 18.58
N GLN A 336 -23.78 21.03 18.28
CA GLN A 336 -24.48 19.82 17.86
C GLN A 336 -23.90 19.27 16.56
N THR A 337 -23.74 20.13 15.56
CA THR A 337 -23.29 19.69 14.24
C THR A 337 -21.83 19.25 14.26
N LEU A 338 -20.97 19.99 14.97
CA LEU A 338 -19.56 19.62 15.04
C LEU A 338 -19.38 18.21 15.61
N ALA A 339 -20.20 17.84 16.59
CA ALA A 339 -20.11 16.50 17.14
C ALA A 339 -20.51 15.44 16.11
N LEU A 340 -21.55 15.71 15.33
CA LEU A 340 -21.93 14.81 14.25
C LEU A 340 -20.79 14.64 13.24
N ILE A 341 -20.20 15.75 12.82
CA ILE A 341 -19.12 15.70 11.84
C ILE A 341 -17.94 14.90 12.38
N ALA A 342 -17.53 15.19 13.62
CA ALA A 342 -16.43 14.46 14.24
C ALA A 342 -16.74 12.98 14.35
N SER A 343 -17.99 12.64 14.66
CA SER A 343 -18.37 11.23 14.76
C SER A 343 -18.25 10.54 13.41
N LEU A 344 -18.62 11.24 12.33
CA LEU A 344 -18.49 10.66 11.00
C LEU A 344 -17.03 10.49 10.60
N ALA A 345 -16.17 11.44 11.00
CA ALA A 345 -14.76 11.35 10.68
C ALA A 345 -14.09 10.18 11.40
N VAL A 346 -14.46 9.95 12.66
CA VAL A 346 -13.96 8.80 13.39
C VAL A 346 -14.35 7.50 12.71
N HIS A 347 -15.61 7.42 12.25
CA HIS A 347 -16.07 6.20 11.59
C HIS A 347 -15.28 5.94 10.31
N VAL A 348 -14.94 7.00 9.58
CA VAL A 348 -14.12 6.86 8.38
C VAL A 348 -12.73 6.35 8.73
N LEU A 349 -12.12 6.94 9.76
CA LEU A 349 -10.79 6.51 10.19
C LEU A 349 -10.81 5.06 10.68
N SER A 350 -11.91 4.65 11.33
CA SER A 350 -11.99 3.30 11.88
C SER A 350 -12.04 2.21 10.82
N GLU A 351 -12.18 2.58 9.55
CA GLU A 351 -12.23 1.59 8.48
C GLU A 351 -10.86 1.00 8.16
N GLN A 352 -9.78 1.68 8.56
CA GLN A 352 -8.44 1.24 8.21
C GLN A 352 -7.78 0.51 9.39
N ASN A 353 -7.04 -0.54 9.07
CA ASN A 353 -6.30 -1.32 10.02
C ASN A 353 -7.23 -1.85 11.10
N SER B 16 -13.53 13.65 20.21
CA SER B 16 -14.49 13.10 19.25
C SER B 16 -15.52 12.22 19.96
N PRO B 17 -16.78 12.30 19.54
CA PRO B 17 -17.86 11.65 20.30
C PRO B 17 -17.80 10.12 20.22
N THR B 18 -18.07 9.49 21.36
CA THR B 18 -18.27 8.04 21.49
C THR B 18 -17.00 7.25 21.22
N ALA B 19 -15.95 7.92 20.71
CA ALA B 19 -14.68 7.25 20.46
C ALA B 19 -13.66 7.74 21.49
N PRO B 20 -13.37 6.97 22.55
CA PRO B 20 -12.42 7.46 23.56
C PRO B 20 -10.99 7.52 23.05
N ARG B 21 -10.66 6.84 21.97
CA ARG B 21 -9.31 6.85 21.41
C ARG B 21 -9.10 7.96 20.38
N PHE B 22 -10.09 8.81 20.13
CA PHE B 22 -9.98 9.90 19.19
C PHE B 22 -10.30 11.23 19.87
N SER B 23 -9.72 12.30 19.35
CA SER B 23 -9.97 13.64 19.86
C SER B 23 -9.61 14.66 18.80
N VAL B 24 -10.30 15.80 18.83
CA VAL B 24 -10.01 16.92 17.97
C VAL B 24 -9.01 17.83 18.68
N LEU B 25 -7.98 18.26 17.95
CA LEU B 25 -6.95 19.09 18.55
C LEU B 25 -7.44 20.50 18.80
N SER B 26 -6.88 21.14 19.83
CA SER B 26 -7.14 22.53 20.12
C SER B 26 -6.22 23.43 19.30
N TRP B 27 -6.46 24.74 19.39
CA TRP B 27 -5.64 25.68 18.61
C TRP B 27 -4.17 25.67 19.02
N PRO B 28 -3.80 25.75 20.30
CA PRO B 28 -2.37 25.65 20.63
C PRO B 28 -1.72 24.37 20.15
N GLN B 29 -2.46 23.26 20.14
CA GLN B 29 -1.91 22.01 19.63
C GLN B 29 -1.72 22.06 18.12
N VAL B 30 -2.72 22.58 17.39
CA VAL B 30 -2.58 22.75 15.95
C VAL B 30 -1.46 23.72 15.63
N ARG B 31 -1.32 24.77 16.44
CA ARG B 31 -0.26 25.76 16.23
C ARG B 31 1.11 25.12 16.35
N ARG B 32 1.30 24.26 17.35
CA ARG B 32 2.59 23.59 17.51
C ARG B 32 2.79 22.52 16.43
N LEU B 33 1.71 21.87 16.00
CA LEU B 33 1.82 20.91 14.90
C LEU B 33 2.28 21.59 13.62
N ASP B 34 1.74 22.78 13.33
CA ASP B 34 2.15 23.51 12.15
C ASP B 34 3.62 23.93 12.23
N ALA B 35 4.08 24.27 13.44
CA ALA B 35 5.49 24.63 13.62
C ALA B 35 6.40 23.47 13.25
N ILE B 36 6.15 22.29 13.81
CA ILE B 36 6.97 21.12 13.51
C ILE B 36 6.91 20.78 12.03
N LEU B 37 5.73 20.90 11.43
CA LEU B 37 5.57 20.53 10.02
C LEU B 37 6.29 21.48 9.09
N CYS B 38 6.53 22.73 9.51
CA CYS B 38 7.21 23.71 8.67
C CYS B 38 8.69 23.87 8.98
N GLU B 39 9.17 23.35 10.10
CA GLU B 39 10.57 23.47 10.46
C GLU B 39 11.44 22.59 9.55
N SER B 40 12.48 23.18 8.99
CA SER B 40 13.38 22.42 8.15
C SER B 40 14.26 21.50 8.99
N VAL B 41 14.42 20.27 8.53
CA VAL B 41 15.20 19.26 9.26
C VAL B 41 16.30 18.72 8.37
N PRO B 42 17.50 18.49 8.90
CA PRO B 42 18.59 17.97 8.07
C PRO B 42 18.54 16.46 7.93
N ILE B 43 18.95 15.99 6.75
CA ILE B 43 19.05 14.57 6.44
C ILE B 43 20.51 14.27 6.11
N HIS B 44 21.20 13.63 7.04
CA HIS B 44 22.64 13.42 6.89
C HIS B 44 22.95 12.48 5.73
N GLY B 45 23.99 12.86 4.97
CA GLY B 45 24.51 12.03 3.90
C GLY B 45 25.88 11.49 4.30
N ARG B 46 26.04 10.18 4.18
CA ARG B 46 27.33 9.58 4.48
C ARG B 46 28.39 10.02 3.47
N GLY B 47 29.60 10.26 3.99
CA GLY B 47 30.68 10.75 3.16
C GLY B 47 30.44 12.19 2.74
N ASN B 48 30.86 12.50 1.51
CA ASN B 48 30.75 13.85 0.97
C ASN B 48 29.38 14.13 0.36
N PHE B 49 28.43 13.23 0.50
CA PHE B 49 27.10 13.47 -0.06
C PHE B 49 26.48 14.68 0.63
N PRO B 50 25.77 15.54 -0.10
CA PRO B 50 25.26 16.76 0.51
C PRO B 50 24.16 16.49 1.52
N THR B 51 24.13 17.31 2.55
CA THR B 51 23.11 17.21 3.59
C THR B 51 21.81 17.79 3.08
N LEU B 52 20.78 16.95 2.98
CA LEU B 52 19.51 17.42 2.47
C LEU B 52 18.80 18.25 3.53
N SER B 53 17.91 19.14 3.07
CA SER B 53 17.11 19.97 3.96
C SER B 53 15.68 20.00 3.44
N CYS B 54 14.74 19.49 4.24
CA CYS B 54 13.36 19.38 3.82
C CYS B 54 12.43 19.69 4.98
N ARG B 55 11.25 20.19 4.64
CA ARG B 55 10.21 20.32 5.64
C ARG B 55 9.37 19.05 5.69
N PRO B 56 9.00 18.59 6.88
CA PRO B 56 8.24 17.32 6.98
C PRO B 56 6.99 17.27 6.13
N ARG B 57 6.23 18.36 6.06
CA ARG B 57 5.05 18.40 5.19
C ARG B 57 5.43 18.21 3.73
N ASP B 58 6.56 18.79 3.30
CA ASP B 58 6.98 18.62 1.92
C ASP B 58 7.38 17.17 1.66
N LEU B 59 8.12 16.58 2.60
CA LEU B 59 8.51 15.18 2.45
C LEU B 59 7.30 14.26 2.43
N VAL B 60 6.31 14.55 3.27
CA VAL B 60 5.09 13.73 3.29
C VAL B 60 4.36 13.81 1.96
N GLN B 61 4.21 15.03 1.43
CA GLN B 61 3.47 15.19 0.18
C GLN B 61 4.18 14.51 -0.98
N VAL B 62 5.50 14.72 -1.11
CA VAL B 62 6.22 14.15 -2.24
C VAL B 62 6.29 12.63 -2.11
N VAL B 63 6.40 12.11 -0.88
CA VAL B 63 6.39 10.66 -0.70
C VAL B 63 5.00 10.10 -1.00
N ARG B 64 3.96 10.77 -0.51
CA ARG B 64 2.60 10.32 -0.78
C ARG B 64 2.29 10.41 -2.27
N SER B 65 2.71 11.50 -2.92
CA SER B 65 2.49 11.64 -4.36
C SER B 65 3.13 10.49 -5.13
N ARG B 66 4.40 10.18 -4.82
CA ARG B 66 5.09 9.12 -5.54
C ARG B 66 4.48 7.76 -5.26
N LEU B 67 4.06 7.52 -4.01
CA LEU B 67 3.37 6.28 -3.68
C LEU B 67 2.08 6.13 -4.45
N GLU B 68 1.27 7.20 -4.49
CA GLU B 68 -0.01 7.13 -5.20
C GLU B 68 0.18 7.03 -6.70
N GLN B 69 1.24 7.64 -7.23
CA GLN B 69 1.52 7.50 -8.67
C GLN B 69 1.86 6.07 -9.03
N LYS B 70 2.56 5.36 -8.15
CA LYS B 70 2.97 3.98 -8.39
C LYS B 70 1.90 2.98 -7.99
N GLY B 71 0.68 3.42 -7.70
CA GLY B 71 -0.44 2.55 -7.47
C GLY B 71 -0.67 2.13 -6.04
N ILE B 72 0.14 2.58 -5.09
CA ILE B 72 -0.02 2.22 -3.69
C ILE B 72 -0.94 3.24 -3.04
N LEU B 73 -2.07 2.79 -2.51
CA LEU B 73 -2.99 3.71 -1.88
C LEU B 73 -2.39 4.24 -0.59
N VAL B 74 -2.47 5.56 -0.40
CA VAL B 74 -2.04 6.16 0.85
C VAL B 74 -3.30 6.70 1.53
N HIS B 75 -3.75 6.00 2.58
CA HIS B 75 -5.03 6.35 3.26
C HIS B 75 -4.90 7.66 4.02
N ASN B 76 -3.88 7.79 4.87
CA ASN B 76 -3.65 9.01 5.64
C ASN B 76 -2.24 8.94 6.19
N VAL B 77 -1.75 10.07 6.67
CA VAL B 77 -0.41 10.17 7.25
C VAL B 77 -0.53 10.73 8.66
N ARG B 78 0.26 10.18 9.57
CA ARG B 78 0.19 10.57 10.97
C ARG B 78 1.57 10.94 11.48
N LEU B 79 1.59 11.69 12.57
CA LEU B 79 2.81 12.01 13.31
C LEU B 79 2.75 11.26 14.63
N ASN B 80 3.77 10.42 14.88
CA ASN B 80 3.84 9.57 16.05
C ASN B 80 5.01 10.02 16.93
N GLY B 81 5.53 9.10 17.75
CA GLY B 81 6.64 9.37 18.63
C GLY B 81 6.29 10.36 19.73
N SER B 82 7.34 10.79 20.43
CA SER B 82 7.18 11.80 21.45
C SER B 82 6.88 13.18 20.86
N ALA B 83 7.16 13.37 19.58
CA ALA B 83 6.84 14.63 18.93
C ALA B 83 5.33 14.91 18.97
N ALA B 84 4.52 13.86 18.76
CA ALA B 84 3.08 14.03 18.84
C ALA B 84 2.64 14.41 20.25
N SER B 85 3.31 13.84 21.26
CA SER B 85 2.98 14.20 22.64
C SER B 85 3.35 15.64 22.94
N TYR B 86 4.46 16.13 22.36
CA TYR B 86 4.82 17.53 22.55
C TYR B 86 3.84 18.46 21.86
N VAL B 87 3.33 18.05 20.69
CA VAL B 87 2.30 18.83 20.00
C VAL B 87 1.06 18.96 20.88
N LEU B 88 0.63 17.86 21.48
CA LEU B 88 -0.58 17.88 22.29
C LEU B 88 -0.37 18.53 23.65
N HIS B 89 0.88 18.59 24.13
CA HIS B 89 1.14 19.17 25.44
C HIS B 89 2.61 19.57 25.51
N HIS B 90 2.90 20.84 25.24
CA HIS B 90 4.24 21.31 25.50
C HIS B 90 4.49 21.23 27.01
N ASP B 91 5.76 21.24 27.40
CA ASP B 91 6.12 21.04 28.80
C ASP B 91 5.66 19.67 29.29
N SER B 92 5.67 18.68 28.39
CA SER B 92 5.28 17.31 28.72
C SER B 92 6.39 16.55 29.44
N GLY B 93 7.52 17.21 29.70
CA GLY B 93 8.68 16.56 30.31
C GLY B 93 9.35 15.52 29.44
N LEU B 94 8.71 15.09 28.36
CA LEU B 94 9.32 14.21 27.39
C LEU B 94 10.08 15.03 26.36
N GLY B 95 11.29 14.58 26.03
CA GLY B 95 12.00 15.18 24.93
C GLY B 95 11.46 14.61 23.64
N TYR B 96 12.05 15.02 22.53
CA TYR B 96 11.78 14.33 21.27
C TYR B 96 12.95 14.55 20.33
N LYS B 97 13.63 13.46 20.00
CA LYS B 97 14.69 13.50 18.99
C LYS B 97 14.19 13.02 17.63
N ASP B 98 13.36 11.98 17.62
CA ASP B 98 12.93 11.38 16.36
C ASP B 98 11.67 12.07 15.85
N LEU B 99 11.53 12.08 14.53
CA LEU B 99 10.33 12.57 13.86
C LEU B 99 9.70 11.35 13.18
N ASP B 100 8.66 10.81 13.81
CA ASP B 100 8.05 9.55 13.39
C ASP B 100 6.82 9.84 12.53
N LEU B 101 6.92 9.53 11.25
CA LEU B 101 5.83 9.73 10.29
C LEU B 101 5.32 8.36 9.87
N ILE B 102 4.02 8.12 10.07
CA ILE B 102 3.39 6.85 9.74
C ILE B 102 2.48 7.07 8.54
N PHE B 103 2.76 6.33 7.46
CA PHE B 103 1.93 6.35 6.25
C PHE B 103 1.03 5.12 6.29
N MET B 104 -0.27 5.33 6.40
CA MET B 104 -1.23 4.23 6.34
C MET B 104 -1.43 3.89 4.87
N VAL B 105 -0.77 2.83 4.42
CA VAL B 105 -0.68 2.49 3.00
C VAL B 105 -1.20 1.07 2.78
N ASP B 106 -1.31 0.72 1.49
CA ASP B 106 -1.71 -0.61 1.06
C ASP B 106 -0.48 -1.39 0.60
N LEU B 107 -0.11 -2.39 1.38
CA LEU B 107 1.08 -3.20 1.10
C LEU B 107 0.71 -4.59 0.58
N LYS B 108 -0.56 -4.84 0.31
CA LYS B 108 -1.01 -6.12 -0.21
C LYS B 108 -0.60 -6.36 -1.65
N GLY B 109 0.06 -5.39 -2.30
CA GLY B 109 0.57 -5.58 -3.63
C GLY B 109 1.69 -6.59 -3.66
N PRO B 110 2.08 -7.02 -4.86
CA PRO B 110 3.14 -8.03 -4.96
C PRO B 110 4.50 -7.51 -4.55
N ASP B 111 4.97 -6.46 -5.21
CA ASP B 111 6.24 -5.82 -4.89
C ASP B 111 6.04 -4.52 -4.11
N ALA B 112 5.00 -4.44 -3.29
CA ALA B 112 4.65 -3.18 -2.65
C ALA B 112 5.78 -2.67 -1.76
N PHE B 113 6.49 -3.58 -1.08
CA PHE B 113 7.61 -3.17 -0.25
C PHE B 113 8.72 -2.56 -1.10
N GLN B 114 9.02 -3.18 -2.24
CA GLN B 114 10.04 -2.61 -3.14
C GLN B 114 9.56 -1.31 -3.77
N VAL B 115 8.27 -1.19 -4.06
CA VAL B 115 7.75 0.05 -4.62
C VAL B 115 7.87 1.18 -3.59
N VAL B 116 7.55 0.90 -2.32
CA VAL B 116 7.72 1.89 -1.27
C VAL B 116 9.19 2.29 -1.13
N LYS B 117 10.09 1.31 -1.16
CA LYS B 117 11.52 1.60 -1.04
C LYS B 117 11.97 2.56 -2.13
N HIS B 118 11.71 2.22 -3.40
CA HIS B 118 12.18 3.04 -4.51
C HIS B 118 11.46 4.39 -4.56
N ALA B 119 10.22 4.45 -4.08
CA ALA B 119 9.50 5.72 -4.06
C ALA B 119 10.17 6.71 -3.11
N VAL B 120 10.53 6.25 -1.91
CA VAL B 120 11.19 7.12 -0.94
C VAL B 120 12.57 7.52 -1.44
N LEU B 121 13.31 6.57 -2.00
CA LEU B 121 14.63 6.88 -2.55
C LEU B 121 14.54 7.92 -3.66
N ASN B 122 13.52 7.81 -4.51
CA ASN B 122 13.36 8.81 -5.58
C ASN B 122 13.00 10.17 -5.01
N CYS B 123 12.34 10.21 -3.85
CA CYS B 123 12.06 11.49 -3.22
C CYS B 123 13.33 12.17 -2.74
N LEU B 124 14.24 11.40 -2.12
CA LEU B 124 15.54 11.93 -1.75
C LEU B 124 16.30 12.46 -2.96
N LEU B 125 16.12 11.82 -4.12
CA LEU B 125 16.76 12.27 -5.34
C LEU B 125 16.33 13.68 -5.72
N ASP B 126 15.08 14.05 -5.43
CA ASP B 126 14.59 15.37 -5.78
C ASP B 126 15.22 16.47 -4.94
N PHE B 127 15.51 16.19 -3.68
CA PHE B 127 16.09 17.20 -2.79
C PHE B 127 17.58 17.43 -3.04
N LEU B 128 18.16 16.78 -4.04
CA LEU B 128 19.57 17.01 -4.32
C LEU B 128 19.77 18.34 -5.04
N PRO B 129 20.82 19.09 -4.71
CA PRO B 129 21.07 20.37 -5.40
C PRO B 129 21.53 20.19 -6.84
N SER B 130 20.59 20.14 -7.77
CA SER B 130 20.92 20.01 -9.18
C SER B 130 20.57 21.28 -9.95
N ASN B 133 24.77 16.21 -7.87
CA ASN B 133 24.45 17.00 -9.05
C ASN B 133 24.20 16.08 -10.24
N LYS B 134 25.19 15.25 -10.58
CA LYS B 134 25.04 14.30 -11.66
C LYS B 134 24.18 13.13 -11.22
N GLU B 135 23.19 12.78 -12.04
CA GLU B 135 22.32 11.65 -11.72
C GLU B 135 22.86 10.34 -12.24
N LYS B 136 24.13 10.06 -11.95
CA LYS B 136 24.69 8.73 -12.11
C LYS B 136 24.46 8.00 -10.79
N ILE B 137 23.33 8.28 -10.14
CA ILE B 137 23.09 7.80 -8.79
C ILE B 137 22.08 6.66 -8.83
N THR B 138 22.53 5.49 -8.41
CA THR B 138 21.70 4.30 -8.28
C THR B 138 20.86 4.39 -7.01
N PRO B 139 19.75 3.66 -6.95
CA PRO B 139 19.04 3.58 -5.66
C PRO B 139 19.91 3.02 -4.55
N MET B 140 20.83 2.10 -4.87
CA MET B 140 21.76 1.59 -3.86
C MET B 140 22.66 2.69 -3.34
N THR B 141 23.04 3.65 -4.19
CA THR B 141 23.90 4.73 -3.73
C THR B 141 23.13 5.73 -2.86
N LEU B 142 21.84 5.93 -3.13
CA LEU B 142 21.05 6.78 -2.25
C LEU B 142 20.75 6.10 -0.92
N LYS B 143 20.51 4.79 -0.94
CA LYS B 143 20.25 4.07 0.30
C LYS B 143 21.45 4.10 1.24
N GLU B 144 22.64 3.78 0.72
CA GLU B 144 23.84 3.80 1.53
C GLU B 144 24.19 5.20 1.99
N ALA B 145 23.71 6.23 1.31
CA ALA B 145 24.06 7.61 1.64
C ALA B 145 23.18 8.19 2.75
N TYR B 146 21.88 7.95 2.69
CA TYR B 146 20.95 8.62 3.60
C TYR B 146 20.15 7.68 4.48
N VAL B 147 19.94 6.43 4.07
CA VAL B 147 19.14 5.48 4.83
C VAL B 147 20.05 4.76 5.83
N GLN B 148 19.78 4.96 7.12
CA GLN B 148 20.55 4.29 8.16
C GLN B 148 19.95 2.97 8.61
N LYS B 149 18.66 2.74 8.34
CA LYS B 149 18.01 1.49 8.73
C LYS B 149 16.83 1.23 7.81
N LEU B 150 16.61 -0.04 7.50
CA LEU B 150 15.50 -0.48 6.67
C LEU B 150 14.91 -1.73 7.29
N VAL B 151 13.61 -1.70 7.59
CA VAL B 151 12.92 -2.81 8.22
C VAL B 151 11.73 -3.21 7.34
N LYS B 152 11.47 -4.51 7.27
CA LYS B 152 10.36 -5.04 6.48
C LYS B 152 9.71 -6.17 7.25
N VAL B 153 8.40 -6.09 7.43
CA VAL B 153 7.62 -7.10 8.13
C VAL B 153 6.43 -7.46 7.26
N CYS B 154 6.34 -8.73 6.87
CA CYS B 154 5.26 -9.24 6.04
C CYS B 154 4.75 -10.50 6.72
N THR B 155 3.53 -10.43 7.24
CA THR B 155 2.96 -11.53 8.01
C THR B 155 1.46 -11.55 7.77
N GLU B 156 0.81 -12.62 8.24
CA GLU B 156 -0.64 -12.72 8.16
C GLU B 156 -1.34 -11.73 9.07
N SER B 157 -0.67 -11.23 10.10
CA SER B 157 -1.22 -10.30 11.06
C SER B 157 -0.67 -8.90 10.95
N ASP B 158 0.65 -8.76 10.77
CA ASP B 158 1.31 -7.45 10.72
C ASP B 158 2.02 -7.31 9.39
N ARG B 159 1.76 -6.20 8.70
CA ARG B 159 2.41 -5.88 7.42
C ARG B 159 2.81 -4.42 7.44
N TRP B 160 4.11 -4.15 7.45
CA TRP B 160 4.61 -2.78 7.48
C TRP B 160 6.08 -2.77 7.12
N SER B 161 6.60 -1.57 6.86
CA SER B 161 7.99 -1.35 6.53
C SER B 161 8.44 -0.05 7.17
N LEU B 162 9.76 0.09 7.33
CA LEU B 162 10.33 1.27 7.96
C LEU B 162 11.61 1.68 7.24
N ILE B 163 11.73 2.97 6.95
CA ILE B 163 12.93 3.54 6.33
C ILE B 163 13.36 4.70 7.22
N SER B 164 14.52 4.57 7.85
CA SER B 164 14.99 5.53 8.83
C SER B 164 16.08 6.40 8.21
N LEU B 165 15.93 7.72 8.38
CA LEU B 165 16.93 8.69 7.95
C LEU B 165 17.54 9.37 9.18
N SER B 166 18.78 9.81 9.04
CA SER B 166 19.55 10.35 10.15
C SER B 166 19.53 11.88 10.13
N ASN B 167 19.18 12.48 11.26
CA ASN B 167 19.29 13.92 11.45
C ASN B 167 20.63 14.33 12.06
N ASN B 168 21.64 13.46 11.94
CA ASN B 168 23.05 13.74 12.24
C ASN B 168 23.27 14.33 13.63
N SER B 169 22.34 14.14 14.56
CA SER B 169 22.53 14.58 15.94
C SER B 169 21.96 13.57 16.92
N GLY B 170 22.01 12.29 16.60
CA GLY B 170 21.25 11.28 17.31
C GLY B 170 19.78 11.25 16.98
N LYS B 171 19.25 12.32 16.39
CA LYS B 171 17.87 12.36 15.97
C LYS B 171 17.69 11.57 14.68
N ASN B 172 16.51 10.95 14.55
CA ASN B 172 16.19 10.12 13.40
C ASN B 172 14.86 10.53 12.80
N MET B 173 14.78 10.48 11.48
CA MET B 173 13.54 10.71 10.75
C MET B 173 13.06 9.35 10.23
N GLU B 174 12.04 8.79 10.88
CA GLU B 174 11.55 7.46 10.57
C GLU B 174 10.31 7.56 9.70
N LEU B 175 10.39 6.98 8.50
CA LEU B 175 9.24 6.89 7.59
C LEU B 175 8.69 5.48 7.71
N LYS B 176 7.56 5.34 8.40
CA LYS B 176 6.94 4.05 8.66
C LYS B 176 5.70 3.92 7.79
N PHE B 177 5.59 2.79 7.11
CA PHE B 177 4.49 2.51 6.17
C PHE B 177 3.73 1.31 6.68
N VAL B 178 2.58 1.54 7.31
CA VAL B 178 1.85 0.53 8.04
C VAL B 178 0.62 0.13 7.23
N ASP B 179 0.52 -1.16 6.90
CA ASP B 179 -0.70 -1.73 6.36
C ASP B 179 -1.55 -2.33 7.49
N SER B 180 -0.94 -3.15 8.33
CA SER B 180 -1.60 -3.74 9.49
C SER B 180 -0.58 -3.87 10.61
N LEU B 181 -0.95 -3.42 11.80
CA LEU B 181 -0.06 -3.50 12.95
C LEU B 181 -0.90 -3.52 14.21
N ARG B 182 -0.79 -4.61 14.97
CA ARG B 182 -1.65 -4.80 16.14
C ARG B 182 -1.35 -3.77 17.22
N ARG B 183 -0.08 -3.61 17.59
CA ARG B 183 0.32 -2.74 18.69
C ARG B 183 1.26 -1.66 18.15
N GLN B 184 0.88 -0.41 18.37
CA GLN B 184 1.66 0.75 17.94
C GLN B 184 1.97 1.67 19.11
N PHE B 185 2.21 1.08 20.28
CA PHE B 185 2.46 1.87 21.47
C PHE B 185 3.23 1.06 22.49
N GLU B 186 4.06 1.75 23.28
CA GLU B 186 4.71 1.16 24.45
C GLU B 186 4.06 1.67 25.74
N PHE B 187 4.06 2.97 25.95
CA PHE B 187 3.41 3.59 27.09
C PHE B 187 2.36 4.60 26.60
N SER B 188 1.47 4.98 27.52
CA SER B 188 0.37 5.86 27.14
C SER B 188 0.85 7.25 26.73
N VAL B 189 1.96 7.72 27.28
CA VAL B 189 2.38 9.10 27.07
C VAL B 189 3.04 9.33 25.72
N ASP B 190 3.43 8.28 25.01
CA ASP B 190 4.01 8.42 23.66
C ASP B 190 3.21 7.63 22.64
N SER B 191 1.92 7.44 22.88
CA SER B 191 1.06 6.58 22.07
C SER B 191 0.13 7.38 21.16
N PHE B 192 0.47 8.63 20.87
CA PHE B 192 -0.41 9.51 20.10
C PHE B 192 0.00 9.53 18.64
N GLN B 193 -0.99 9.43 17.75
CA GLN B 193 -0.80 9.63 16.33
C GLN B 193 -1.72 10.75 15.88
N ILE B 194 -1.14 11.79 15.26
CA ILE B 194 -1.88 12.97 14.84
C ILE B 194 -1.98 12.95 13.33
N ILE B 195 -3.21 12.83 12.83
CA ILE B 195 -3.43 12.79 11.39
C ILE B 195 -3.09 14.14 10.79
N LEU B 196 -2.28 14.13 9.73
CA LEU B 196 -1.75 15.36 9.13
C LEU B 196 -2.50 15.82 7.90
N ASP B 197 -3.48 15.03 7.41
CA ASP B 197 -4.08 15.30 6.11
C ASP B 197 -4.72 16.68 6.05
N SER B 198 -5.42 17.10 7.11
CA SER B 198 -6.05 18.41 7.10
C SER B 198 -5.04 19.54 7.14
N MET B 199 -3.83 19.28 7.63
CA MET B 199 -2.78 20.30 7.65
C MET B 199 -2.13 20.45 6.28
N LEU B 200 -1.98 19.34 5.56
CA LEU B 200 -1.33 19.38 4.25
C LEU B 200 -2.22 20.08 3.24
N MET B 201 -3.54 19.93 3.37
CA MET B 201 -4.48 20.57 2.44
C MET B 201 -4.60 22.07 2.70
N PHE B 202 -4.21 22.54 3.87
CA PHE B 202 -4.31 23.96 4.22
C PHE B 202 -3.53 24.84 3.24
N ASN B 208 -0.38 30.54 3.01
CA ASN B 208 -1.18 31.51 3.74
C ASN B 208 -0.96 31.34 5.25
N PRO B 209 -1.22 32.39 6.03
CA PRO B 209 -1.00 32.30 7.47
C PRO B 209 -2.11 31.58 8.20
N MET B 210 -1.74 30.87 9.26
CA MET B 210 -2.66 30.17 10.13
C MET B 210 -2.95 31.02 11.36
N SER B 211 -4.21 31.02 11.80
CA SER B 211 -4.62 31.84 12.93
C SER B 211 -5.53 31.03 13.84
N GLN B 212 -5.88 31.64 14.98
CA GLN B 212 -6.82 30.98 15.90
C GLN B 212 -8.23 30.97 15.33
N SER B 213 -8.64 32.09 14.71
CA SER B 213 -9.94 32.17 14.08
C SER B 213 -9.97 31.58 12.68
N PHE B 214 -8.84 31.02 12.22
CA PHE B 214 -8.76 30.45 10.88
C PHE B 214 -7.64 29.41 10.88
N HIS B 215 -8.00 28.16 11.16
CA HIS B 215 -7.05 27.06 11.19
C HIS B 215 -7.79 25.77 10.92
N PRO B 216 -7.14 24.78 10.31
CA PRO B 216 -7.84 23.53 10.00
C PRO B 216 -8.14 22.71 11.24
N THR B 217 -9.15 21.86 11.13
CA THR B 217 -9.50 20.93 12.19
C THR B 217 -8.66 19.67 12.05
N VAL B 218 -8.05 19.24 13.15
CA VAL B 218 -7.13 18.11 13.16
C VAL B 218 -7.61 17.08 14.16
N THR B 219 -7.58 15.82 13.75
CA THR B 219 -7.98 14.70 14.61
C THR B 219 -6.74 13.94 15.05
N GLY B 220 -6.67 13.64 16.34
CA GLY B 220 -5.60 12.84 16.91
C GLY B 220 -6.14 11.52 17.41
N GLU B 221 -5.28 10.51 17.44
CA GLU B 221 -5.65 9.18 17.92
C GLU B 221 -4.65 8.73 18.98
N SER B 222 -5.16 8.10 20.02
CA SER B 222 -4.33 7.48 21.05
C SER B 222 -4.29 5.98 20.77
N MET B 223 -3.12 5.49 20.38
CA MET B 223 -2.96 4.05 20.15
C MET B 223 -3.07 3.27 21.45
N TYR B 224 -2.95 3.94 22.60
CA TYR B 224 -3.17 3.30 23.89
C TYR B 224 -4.64 2.96 24.11
N GLY B 225 -5.55 3.61 23.39
CA GLY B 225 -6.96 3.26 23.41
C GLY B 225 -7.87 4.26 24.09
N ASP B 226 -7.31 5.26 24.77
CA ASP B 226 -8.12 6.25 25.48
C ASP B 226 -7.38 7.58 25.40
N PHE B 227 -7.90 8.52 24.61
CA PHE B 227 -7.19 9.77 24.37
C PHE B 227 -7.10 10.61 25.65
N GLU B 228 -8.21 10.73 26.38
CA GLU B 228 -8.20 11.59 27.56
C GLU B 228 -7.43 10.96 28.71
N GLU B 229 -7.46 9.64 28.85
CA GLU B 229 -6.68 8.98 29.89
C GLU B 229 -5.19 9.13 29.62
N ALA B 230 -4.78 9.04 28.35
CA ALA B 230 -3.37 9.22 28.02
C ALA B 230 -2.95 10.68 28.17
N MET B 231 -3.83 11.63 27.80
CA MET B 231 -3.54 13.03 28.04
C MET B 231 -3.41 13.34 29.53
N ASP B 232 -4.14 12.60 30.36
CA ASP B 232 -4.00 12.76 31.80
C ASP B 232 -2.65 12.24 32.28
N HIS B 233 -2.20 11.09 31.74
CA HIS B 233 -0.89 10.58 32.08
C HIS B 233 0.23 11.50 31.60
N LEU B 234 0.01 12.20 30.49
CA LEU B 234 1.03 13.11 29.99
C LEU B 234 1.13 14.35 30.85
N ARG B 235 -0.01 14.90 31.27
CA ARG B 235 0.00 16.10 32.10
C ARG B 235 0.42 15.79 33.54
N ASN B 236 0.02 14.62 34.05
CA ASN B 236 0.29 14.26 35.44
C ASN B 236 1.52 13.39 35.62
N ARG B 237 2.26 13.09 34.55
CA ARG B 237 3.50 12.32 34.59
C ARG B 237 3.25 10.92 35.16
N ILE B 238 2.53 10.12 34.38
CA ILE B 238 2.15 8.77 34.75
C ILE B 238 2.77 7.78 33.76
N ILE B 239 3.34 6.70 34.28
CA ILE B 239 3.80 5.59 33.46
C ILE B 239 2.71 4.53 33.47
N ALA B 240 2.17 4.22 32.29
CA ALA B 240 1.11 3.23 32.18
C ALA B 240 1.21 2.55 30.83
N THR B 241 0.70 1.33 30.76
CA THR B 241 0.76 0.54 29.54
C THR B 241 -0.38 -0.48 29.57
N ARG B 242 -0.46 -1.27 28.50
CA ARG B 242 -1.42 -2.37 28.39
C ARG B 242 -0.68 -3.57 27.80
N ASN B 243 -0.86 -4.73 28.42
CA ASN B 243 -0.14 -5.95 28.08
C ASN B 243 1.37 -5.70 28.16
N PRO B 244 1.91 -5.47 29.35
CA PRO B 244 3.35 -5.20 29.46
C PRO B 244 4.22 -6.38 29.09
N GLU B 245 3.67 -7.60 29.00
CA GLU B 245 4.45 -8.74 28.55
C GLU B 245 4.80 -8.64 27.06
N GLU B 246 3.98 -7.91 26.29
CA GLU B 246 4.24 -7.70 24.87
C GLU B 246 5.30 -6.64 24.61
N ILE B 247 5.69 -5.88 25.63
CA ILE B 247 6.72 -4.86 25.46
C ILE B 247 8.03 -5.50 24.99
N ARG B 248 8.71 -4.83 24.06
CA ARG B 248 9.96 -5.32 23.52
C ARG B 248 11.08 -5.12 24.55
N GLY B 249 12.27 -5.62 24.19
CA GLY B 249 13.41 -5.50 25.08
C GLY B 249 13.78 -4.05 25.38
N GLY B 250 13.65 -3.18 24.39
CA GLY B 250 13.96 -1.77 24.57
C GLY B 250 13.01 -1.03 25.49
N GLY B 251 11.86 -1.63 25.82
CA GLY B 251 10.93 -0.98 26.73
C GLY B 251 11.52 -0.69 28.09
N LEU B 252 12.42 -1.57 28.57
CA LEU B 252 13.08 -1.31 29.85
C LEU B 252 13.90 -0.03 29.82
N LEU B 253 14.60 0.22 28.70
CA LEU B 253 15.41 1.43 28.60
C LEU B 253 14.54 2.69 28.53
N LYS B 254 13.44 2.64 27.78
CA LYS B 254 12.53 3.77 27.73
C LYS B 254 11.86 4.00 29.08
N TYR B 255 11.55 2.91 29.79
CA TYR B 255 10.92 3.02 31.09
C TYR B 255 11.78 3.82 32.06
N CYS B 256 13.07 3.49 32.12
CA CYS B 256 13.97 4.21 33.03
C CYS B 256 14.16 5.66 32.60
N ASN B 257 14.08 5.95 31.30
CA ASN B 257 14.10 7.33 30.83
C ASN B 257 12.91 8.11 31.37
N LEU B 258 11.74 7.47 31.41
CA LEU B 258 10.54 8.12 31.95
C LEU B 258 10.70 8.41 33.43
N LEU B 259 11.33 7.50 34.18
CA LEU B 259 11.52 7.70 35.61
C LEU B 259 12.43 8.89 35.89
N VAL B 260 13.51 9.02 35.12
CA VAL B 260 14.43 10.15 35.32
C VAL B 260 13.74 11.47 34.99
N ARG B 261 12.79 11.46 34.07
CA ARG B 261 12.08 12.66 33.66
C ARG B 261 10.89 12.98 34.56
N GLY B 262 10.70 12.23 35.64
CA GLY B 262 9.65 12.52 36.60
C GLY B 262 8.37 11.72 36.44
N PHE B 263 8.28 10.84 35.44
CA PHE B 263 7.09 10.01 35.27
C PHE B 263 7.13 8.85 36.26
N ARG B 264 5.98 8.55 36.85
CA ARG B 264 5.90 7.52 37.88
C ARG B 264 4.68 6.64 37.65
N PRO B 265 4.77 5.37 38.00
CA PRO B 265 3.62 4.46 37.86
C PRO B 265 2.45 4.86 38.76
N LYS B 266 1.27 4.31 38.42
CA LYS B 266 0.05 4.64 39.14
C LYS B 266 0.09 4.13 40.58
N SER B 267 0.78 3.02 40.81
CA SER B 267 0.92 2.46 42.14
C SER B 267 2.19 1.64 42.19
N GLU B 268 2.59 1.26 43.41
CA GLU B 268 3.78 0.44 43.56
C GLU B 268 3.54 -0.96 43.02
N VAL B 269 2.34 -1.50 43.20
CA VAL B 269 2.02 -2.83 42.68
C VAL B 269 2.06 -2.82 41.16
N ASP B 270 1.49 -1.78 40.54
CA ASP B 270 1.55 -1.65 39.09
C ASP B 270 3.00 -1.52 38.61
N MET B 271 3.84 -0.89 39.43
CA MET B 271 5.25 -0.75 39.08
C MET B 271 5.95 -2.10 39.04
N LYS B 272 5.71 -2.94 40.05
CA LYS B 272 6.38 -4.23 40.13
C LYS B 272 6.00 -5.13 38.95
N THR B 273 4.75 -5.07 38.51
CA THR B 273 4.31 -5.87 37.38
C THR B 273 5.07 -5.51 36.11
N MET B 274 5.08 -4.21 35.76
CA MET B 274 5.75 -3.77 34.55
C MET B 274 7.23 -4.14 34.56
N GLN B 275 7.90 -3.88 35.69
CA GLN B 275 9.35 -4.10 35.73
C GLN B 275 9.72 -5.57 35.60
N ARG B 276 8.92 -6.47 36.17
CA ARG B 276 9.19 -7.90 36.00
C ARG B 276 9.10 -8.30 34.54
N TYR B 277 8.09 -7.80 33.84
CA TYR B 277 7.91 -8.16 32.43
C TYR B 277 9.00 -7.54 31.56
N MET B 278 9.34 -6.27 31.82
CA MET B 278 10.33 -5.60 30.98
C MET B 278 11.72 -6.17 31.19
N CYS B 279 12.06 -6.56 32.42
CA CYS B 279 13.36 -7.20 32.67
C CYS B 279 13.44 -8.56 32.00
N SER B 280 12.37 -9.35 32.05
CA SER B 280 12.39 -10.67 31.43
C SER B 280 12.58 -10.56 29.92
N ARG B 281 11.90 -9.61 29.28
CA ARG B 281 12.04 -9.45 27.83
C ARG B 281 13.39 -8.86 27.48
N TYR B 282 13.95 -8.03 28.36
CA TYR B 282 15.27 -7.46 28.11
C TYR B 282 16.32 -8.55 27.96
N PHE B 283 16.33 -9.51 28.88
CA PHE B 283 17.31 -10.59 28.83
C PHE B 283 17.03 -11.56 27.68
N ILE B 284 15.76 -11.73 27.32
CA ILE B 284 15.42 -12.61 26.20
C ILE B 284 15.93 -12.00 24.89
N ASP B 285 15.68 -10.70 24.69
CA ASP B 285 16.06 -10.07 23.43
C ASP B 285 17.56 -9.81 23.34
N PHE B 286 18.22 -9.53 24.47
CA PHE B 286 19.63 -9.17 24.49
C PHE B 286 20.37 -10.01 25.52
N PRO B 287 20.57 -11.30 25.23
CA PRO B 287 21.27 -12.15 26.21
C PRO B 287 22.76 -11.84 26.31
N ASP B 288 23.42 -11.55 25.20
CA ASP B 288 24.86 -11.30 25.22
C ASP B 288 25.14 -9.97 25.92
N ILE B 289 26.03 -10.00 26.92
CA ILE B 289 26.38 -8.79 27.64
C ILE B 289 27.11 -7.81 26.73
N ARG B 290 27.81 -8.30 25.70
CA ARG B 290 28.44 -7.41 24.75
C ARG B 290 27.42 -6.65 23.93
N GLU B 291 26.31 -7.31 23.58
CA GLU B 291 25.25 -6.62 22.87
C GLU B 291 24.54 -5.62 23.78
N GLN B 292 24.39 -5.97 25.06
CA GLN B 292 23.79 -5.03 26.01
C GLN B 292 24.65 -3.78 26.15
N GLN B 293 25.98 -3.95 26.22
CA GLN B 293 26.86 -2.80 26.33
C GLN B 293 26.77 -1.92 25.09
N ARG B 294 26.69 -2.54 23.90
CA ARG B 294 26.57 -1.77 22.67
C ARG B 294 25.26 -1.00 22.64
N LYS B 295 24.16 -1.65 23.04
CA LYS B 295 22.86 -0.97 23.05
C LYS B 295 22.79 0.10 24.14
N LEU B 296 23.34 -0.19 25.32
CA LEU B 296 23.28 0.79 26.41
C LEU B 296 24.14 2.00 26.12
N LYS B 297 25.33 1.79 25.54
CA LYS B 297 26.16 2.91 25.12
C LYS B 297 25.47 3.75 24.07
N CYS B 298 24.77 3.11 23.12
CA CYS B 298 24.05 3.85 22.09
C CYS B 298 22.91 4.64 22.70
N TYR B 299 22.16 4.05 23.63
CA TYR B 299 21.04 4.77 24.24
C TYR B 299 21.52 5.99 25.00
N LEU B 300 22.63 5.86 25.73
CA LEU B 300 23.18 7.01 26.45
C LEU B 300 23.64 8.09 25.49
N GLN B 301 24.19 7.71 24.34
CA GLN B 301 24.68 8.68 23.37
C GLN B 301 23.55 9.45 22.71
N ASP B 302 22.41 8.79 22.47
CA ASP B 302 21.33 9.38 21.68
C ASP B 302 20.31 10.16 22.50
N HIS B 303 20.08 9.79 23.76
CA HIS B 303 18.93 10.30 24.51
C HIS B 303 19.31 11.30 25.59
N PHE B 304 20.56 11.77 25.63
CA PHE B 304 20.99 12.69 26.67
C PHE B 304 21.86 13.79 26.08
N VAL B 305 21.45 14.32 24.92
CA VAL B 305 22.23 15.35 24.25
C VAL B 305 22.15 16.67 25.00
N GLY B 306 21.00 16.98 25.60
CA GLY B 306 20.83 18.18 26.39
C GLY B 306 20.99 18.03 27.88
N MET B 307 21.36 16.85 28.35
CA MET B 307 21.38 16.55 29.79
C MET B 307 22.41 15.47 30.06
N GLU B 308 23.69 15.76 29.78
CA GLU B 308 24.74 14.77 29.97
C GLU B 308 24.87 14.35 31.43
N ASP B 309 24.54 15.26 32.36
CA ASP B 309 24.64 14.93 33.78
C ASP B 309 23.63 13.88 34.21
N LYS B 310 22.44 13.88 33.58
CA LYS B 310 21.41 12.92 33.96
C LYS B 310 21.72 11.49 33.54
N ARG B 311 22.80 11.26 32.80
CA ARG B 311 23.17 9.89 32.46
C ARG B 311 23.44 9.07 33.72
N TYR B 312 24.04 9.68 34.74
CA TYR B 312 24.27 8.99 36.00
C TYR B 312 22.95 8.59 36.65
N ASP B 313 22.02 9.53 36.75
CA ASP B 313 20.71 9.22 37.33
C ASP B 313 20.01 8.11 36.56
N TYR B 314 20.16 8.10 35.23
CA TYR B 314 19.54 7.06 34.42
C TYR B 314 20.13 5.69 34.74
N LEU B 315 21.46 5.59 34.80
CA LEU B 315 22.10 4.31 35.05
C LEU B 315 21.79 3.80 36.45
N MET B 316 21.71 4.70 37.43
CA MET B 316 21.31 4.30 38.77
C MET B 316 19.87 3.80 38.80
N THR B 317 18.99 4.45 38.02
CA THR B 317 17.62 3.98 37.90
C THR B 317 17.56 2.60 37.25
N LEU B 318 18.27 2.43 36.13
CA LEU B 318 18.29 1.14 35.46
C LEU B 318 18.91 0.06 36.34
N HIS B 319 19.98 0.40 37.06
CA HIS B 319 20.60 -0.56 37.98
C HIS B 319 19.60 -1.02 39.03
N GLN B 320 18.82 -0.09 39.58
CA GLN B 320 17.84 -0.45 40.61
C GLN B 320 16.76 -1.36 40.04
N VAL B 321 16.22 -1.02 38.88
CA VAL B 321 15.12 -1.80 38.30
C VAL B 321 15.58 -3.22 37.98
N VAL B 322 16.73 -3.35 37.32
CA VAL B 322 17.26 -4.67 36.97
C VAL B 322 17.50 -5.49 38.23
N ASN B 323 18.06 -4.87 39.26
CA ASN B 323 18.40 -5.60 40.48
C ASN B 323 17.16 -6.09 41.22
N GLU B 324 16.06 -5.34 41.14
CA GLU B 324 14.89 -5.61 41.97
C GLU B 324 13.79 -6.39 41.26
N SER B 325 13.92 -6.63 39.95
CA SER B 325 12.85 -7.27 39.19
C SER B 325 13.31 -8.46 38.37
N THR B 326 14.59 -8.83 38.44
CA THR B 326 15.12 -9.99 37.75
C THR B 326 14.83 -11.24 38.56
N VAL B 327 14.10 -12.20 37.98
CA VAL B 327 13.79 -13.44 38.66
C VAL B 327 15.07 -14.06 39.21
N CYS B 328 14.98 -14.63 40.42
CA CYS B 328 16.16 -15.18 41.09
C CYS B 328 16.72 -16.44 40.44
N LEU B 329 16.17 -16.91 39.32
CA LEU B 329 16.82 -17.98 38.57
C LEU B 329 17.89 -17.44 37.64
N MET B 330 17.82 -16.16 37.30
CA MET B 330 18.74 -15.52 36.36
C MET B 330 19.78 -14.69 37.11
N GLY B 331 20.33 -15.23 38.20
CA GLY B 331 21.26 -14.48 39.03
C GLY B 331 22.53 -14.08 38.29
N HIS B 332 23.06 -14.99 37.48
CA HIS B 332 24.27 -14.68 36.73
C HIS B 332 24.03 -13.55 35.73
N GLU B 333 22.88 -13.59 35.04
CA GLU B 333 22.54 -12.50 34.13
C GLU B 333 22.38 -11.18 34.88
N ARG B 334 21.67 -11.21 36.01
CA ARG B 334 21.49 -9.99 36.80
C ARG B 334 22.84 -9.43 37.24
N ARG B 335 23.71 -10.27 37.77
CA ARG B 335 25.02 -9.80 38.23
C ARG B 335 25.85 -9.31 37.05
N GLN B 336 25.74 -9.98 35.90
CA GLN B 336 26.43 -9.54 34.70
C GLN B 336 25.99 -8.14 34.28
N THR B 337 24.67 -7.93 34.21
CA THR B 337 24.15 -6.65 33.75
C THR B 337 24.41 -5.54 34.76
N LEU B 338 24.22 -5.82 36.06
CA LEU B 338 24.47 -4.81 37.08
C LEU B 338 25.90 -4.30 37.04
N ALA B 339 26.87 -5.19 36.80
CA ALA B 339 28.25 -4.77 36.72
C ALA B 339 28.50 -3.88 35.51
N LEU B 340 27.89 -4.21 34.36
CA LEU B 340 28.00 -3.36 33.18
C LEU B 340 27.45 -1.96 33.45
N ILE B 341 26.26 -1.89 34.05
CA ILE B 341 25.64 -0.60 34.33
C ILE B 341 26.51 0.22 35.27
N ALA B 342 26.98 -0.41 36.35
CA ALA B 342 27.85 0.30 37.29
C ALA B 342 29.14 0.77 36.61
N SER B 343 29.69 -0.05 35.71
CA SER B 343 30.91 0.35 35.01
C SER B 343 30.66 1.57 34.12
N LEU B 344 29.50 1.63 33.48
CA LEU B 344 29.17 2.79 32.66
C LEU B 344 28.95 4.03 33.52
N ALA B 345 28.36 3.86 34.70
CA ALA B 345 28.15 4.99 35.60
C ALA B 345 29.49 5.53 36.12
N VAL B 346 30.43 4.64 36.41
CA VAL B 346 31.77 5.07 36.78
C VAL B 346 32.41 5.85 35.63
N HIS B 347 32.22 5.36 34.40
CA HIS B 347 32.77 6.04 33.23
C HIS B 347 32.19 7.44 33.07
N VAL B 348 30.89 7.59 33.34
CA VAL B 348 30.27 8.91 33.25
C VAL B 348 30.84 9.84 34.31
N LEU B 349 30.94 9.36 35.55
CA LEU B 349 31.52 10.17 36.62
C LEU B 349 32.99 10.47 36.36
N SER B 350 33.72 9.52 35.75
CA SER B 350 35.15 9.68 35.53
C SER B 350 35.48 10.77 34.53
N GLU B 351 34.49 11.33 33.84
CA GLU B 351 34.75 12.40 32.88
C GLU B 351 35.01 13.73 33.57
N GLN B 352 34.56 13.90 34.81
CA GLN B 352 34.71 15.17 35.50
C GLN B 352 35.91 15.14 36.44
N ALA C 19 40.62 -25.41 -8.14
CA ALA C 19 41.02 -24.01 -8.11
C ALA C 19 40.17 -23.10 -9.02
N PRO C 20 40.02 -23.40 -10.31
CA PRO C 20 39.23 -22.52 -11.18
C PRO C 20 37.75 -22.54 -10.89
N ARG C 21 37.27 -23.46 -10.04
CA ARG C 21 35.87 -23.57 -9.69
C ARG C 21 35.49 -22.72 -8.49
N PHE C 22 36.41 -21.93 -7.95
CA PHE C 22 36.15 -21.08 -6.81
C PHE C 22 36.47 -19.63 -7.14
N SER C 23 35.79 -18.71 -6.44
CA SER C 23 36.02 -17.29 -6.61
C SER C 23 35.54 -16.57 -5.37
N VAL C 24 36.17 -15.44 -5.07
CA VAL C 24 35.76 -14.58 -3.96
C VAL C 24 34.76 -13.57 -4.48
N LEU C 25 33.67 -13.39 -3.75
CA LEU C 25 32.60 -12.49 -4.17
C LEU C 25 33.04 -11.03 -4.01
N SER C 26 32.48 -10.17 -4.87
CA SER C 26 32.69 -8.75 -4.73
C SER C 26 31.71 -8.16 -3.72
N TRP C 27 31.88 -6.88 -3.41
CA TRP C 27 31.00 -6.25 -2.44
C TRP C 27 29.54 -6.20 -2.89
N PRO C 28 29.21 -5.75 -4.11
CA PRO C 28 27.79 -5.80 -4.52
C PRO C 28 27.18 -7.19 -4.46
N GLN C 29 27.97 -8.23 -4.74
CA GLN C 29 27.45 -9.59 -4.63
C GLN C 29 27.21 -9.97 -3.17
N VAL C 30 28.16 -9.65 -2.29
CA VAL C 30 27.99 -9.92 -0.86
C VAL C 30 26.80 -9.14 -0.32
N ARG C 31 26.62 -7.91 -0.79
CA ARG C 31 25.51 -7.08 -0.33
C ARG C 31 24.16 -7.71 -0.65
N ARG C 32 24.03 -8.29 -1.84
CA ARG C 32 22.78 -8.97 -2.18
C ARG C 32 22.63 -10.28 -1.40
N LEU C 33 23.74 -10.97 -1.14
CA LEU C 33 23.68 -12.17 -0.31
C LEU C 33 23.19 -11.84 1.09
N ASP C 34 23.67 -10.73 1.66
CA ASP C 34 23.19 -10.31 2.97
C ASP C 34 21.72 -9.96 2.94
N ALA C 35 21.25 -9.36 1.84
CA ALA C 35 19.84 -9.04 1.73
C ALA C 35 18.99 -10.31 1.78
N ILE C 36 19.32 -11.29 0.94
CA ILE C 36 18.56 -12.54 0.92
C ILE C 36 18.61 -13.23 2.27
N LEU C 37 19.77 -13.18 2.93
CA LEU C 37 19.92 -13.87 4.21
C LEU C 37 19.06 -13.21 5.30
N CYS C 38 18.72 -11.92 5.15
CA CYS C 38 17.93 -11.26 6.18
C CYS C 38 16.44 -11.22 5.87
N GLU C 39 16.05 -11.46 4.63
CA GLU C 39 14.63 -11.35 4.29
C GLU C 39 13.86 -12.49 4.91
N SER C 40 12.79 -12.17 5.63
CA SER C 40 11.98 -13.20 6.26
C SER C 40 11.14 -13.91 5.21
N VAL C 41 11.08 -15.23 5.32
CA VAL C 41 10.34 -16.05 4.36
C VAL C 41 9.28 -16.81 5.14
N PRO C 42 8.06 -16.94 4.62
CA PRO C 42 7.01 -17.64 5.36
C PRO C 42 7.07 -19.15 5.17
N ILE C 43 6.72 -19.84 6.24
CA ILE C 43 6.61 -21.30 6.25
C ILE C 43 5.16 -21.59 6.56
N HIS C 44 4.38 -21.91 5.53
CA HIS C 44 2.94 -22.08 5.70
C HIS C 44 2.64 -23.32 6.52
N GLY C 45 1.65 -23.24 7.37
CA GLY C 45 1.21 -24.36 8.18
C GLY C 45 -0.06 -24.96 7.64
N ARG C 46 -0.04 -26.28 7.44
CA ARG C 46 -1.22 -26.97 6.96
C ARG C 46 -2.34 -26.88 7.97
N GLY C 47 -3.55 -26.63 7.49
CA GLY C 47 -4.67 -26.49 8.42
C GLY C 47 -4.53 -25.21 9.23
N ASN C 48 -4.87 -25.30 10.51
CA ASN C 48 -4.84 -24.16 11.41
C ASN C 48 -3.45 -23.86 11.97
N PHE C 49 -2.41 -24.57 11.52
CA PHE C 49 -1.08 -24.30 12.03
C PHE C 49 -0.62 -22.91 11.59
N PRO C 50 0.03 -22.16 12.47
CA PRO C 50 0.44 -20.79 12.10
C PRO C 50 1.56 -20.79 11.09
N THR C 51 1.53 -19.79 10.20
CA THR C 51 2.58 -19.62 9.21
C THR C 51 3.79 -18.97 9.86
N LEU C 52 4.91 -19.67 9.86
CA LEU C 52 6.12 -19.15 10.48
C LEU C 52 6.74 -18.05 9.62
N SER C 53 7.55 -17.21 10.26
CA SER C 53 8.32 -16.19 9.57
C SER C 53 9.72 -16.22 10.15
N CYS C 54 10.70 -16.56 9.30
CA CYS C 54 12.07 -16.74 9.76
C CYS C 54 13.04 -16.17 8.74
N ARG C 55 14.18 -15.73 9.22
CA ARG C 55 15.24 -15.33 8.29
C ARG C 55 16.12 -16.53 7.96
N PRO C 56 16.50 -16.69 6.69
CA PRO C 56 17.40 -17.81 6.33
C PRO C 56 18.67 -17.81 7.15
N ARG C 57 19.21 -16.63 7.45
CA ARG C 57 20.39 -16.56 8.30
C ARG C 57 20.09 -17.16 9.68
N ASP C 58 18.89 -16.92 10.20
CA ASP C 58 18.50 -17.49 11.48
C ASP C 58 18.26 -18.99 11.39
N LEU C 59 17.58 -19.44 10.33
CA LEU C 59 17.27 -20.86 10.18
C LEU C 59 18.54 -21.70 10.06
N VAL C 60 19.52 -21.22 9.29
CA VAL C 60 20.78 -21.95 9.16
C VAL C 60 21.47 -22.05 10.51
N GLN C 61 21.47 -20.96 11.28
CA GLN C 61 22.17 -20.94 12.56
C GLN C 61 21.59 -21.96 13.53
N VAL C 62 20.26 -21.99 13.67
CA VAL C 62 19.65 -22.90 14.64
C VAL C 62 19.76 -24.35 14.17
N VAL C 63 19.68 -24.58 12.86
CA VAL C 63 19.79 -25.94 12.34
C VAL C 63 21.22 -26.46 12.47
N ARG C 64 22.22 -25.63 12.13
CA ARG C 64 23.60 -26.07 12.24
C ARG C 64 23.99 -26.34 13.69
N SER C 65 23.60 -25.46 14.60
CA SER C 65 23.93 -25.65 16.01
C SER C 65 23.36 -26.97 16.52
N ARG C 66 22.09 -27.23 16.24
CA ARG C 66 21.42 -28.42 16.76
C ARG C 66 22.00 -29.70 16.14
N LEU C 67 22.35 -29.66 14.85
CA LEU C 67 23.01 -30.81 14.24
C LEU C 67 24.32 -31.10 14.96
N GLU C 68 25.13 -30.06 15.21
CA GLU C 68 26.39 -30.25 15.91
C GLU C 68 26.16 -30.62 17.37
N GLN C 69 25.06 -30.15 17.97
CA GLN C 69 24.73 -30.57 19.33
C GLN C 69 24.45 -32.06 19.40
N LYS C 70 23.77 -32.60 18.37
CA LYS C 70 23.43 -34.01 18.31
C LYS C 70 24.53 -34.85 17.67
N GLY C 71 25.73 -34.31 17.49
CA GLY C 71 26.85 -35.07 17.02
C GLY C 71 27.08 -35.09 15.52
N ILE C 72 26.28 -34.37 14.74
CA ILE C 72 26.42 -34.36 13.30
C ILE C 72 27.38 -33.25 12.91
N LEU C 73 28.49 -33.63 12.28
CA LEU C 73 29.49 -32.66 11.84
C LEU C 73 28.94 -31.84 10.68
N VAL C 74 29.09 -30.53 10.76
CA VAL C 74 28.67 -29.61 9.70
C VAL C 74 29.91 -28.91 9.17
N HIS C 75 30.34 -29.29 7.96
CA HIS C 75 31.54 -28.68 7.39
C HIS C 75 31.30 -27.23 7.01
N ASN C 76 30.23 -26.97 6.27
CA ASN C 76 29.87 -25.62 5.83
C ASN C 76 28.44 -25.65 5.30
N VAL C 77 27.87 -24.46 5.12
CA VAL C 77 26.52 -24.28 4.61
C VAL C 77 26.59 -23.39 3.38
N ARG C 78 25.82 -23.74 2.35
CA ARG C 78 25.83 -23.03 1.08
C ARG C 78 24.43 -22.65 0.65
N LEU C 79 24.35 -21.66 -0.23
CA LEU C 79 23.11 -21.27 -0.89
C LEU C 79 23.21 -21.66 -2.36
N ASN C 80 22.25 -22.47 -2.83
CA ASN C 80 22.25 -22.99 -4.18
C ASN C 80 21.07 -22.40 -4.95
N GLY C 81 20.62 -23.10 -5.98
CA GLY C 81 19.50 -22.66 -6.79
C GLY C 81 19.83 -21.41 -7.60
N SER C 82 18.77 -20.85 -8.19
CA SER C 82 18.92 -19.60 -8.93
C SER C 82 19.17 -18.43 -8.01
N ALA C 83 18.89 -18.57 -6.71
CA ALA C 83 19.17 -17.50 -5.76
C ALA C 83 20.65 -17.13 -5.75
N ALA C 84 21.53 -18.14 -5.83
CA ALA C 84 22.95 -17.86 -5.88
C ALA C 84 23.33 -17.10 -7.15
N SER C 85 22.67 -17.41 -8.26
CA SER C 85 22.92 -16.68 -9.50
C SER C 85 22.45 -15.23 -9.38
N TYR C 86 21.35 -15.00 -8.69
CA TYR C 86 20.88 -13.63 -8.46
C TYR C 86 21.86 -12.86 -7.58
N VAL C 87 22.43 -13.53 -6.57
CA VAL C 87 23.43 -12.88 -5.72
C VAL C 87 24.63 -12.45 -6.56
N LEU C 88 25.10 -13.33 -7.44
CA LEU C 88 26.28 -13.05 -8.26
C LEU C 88 25.98 -12.09 -9.41
N HIS C 89 24.72 -11.98 -9.84
CA HIS C 89 24.36 -11.12 -10.96
C HIS C 89 22.87 -10.84 -10.83
N HIS C 90 22.52 -9.67 -10.28
CA HIS C 90 21.12 -9.34 -10.05
C HIS C 90 20.30 -9.36 -11.34
N ASP C 91 20.91 -9.01 -12.46
CA ASP C 91 20.23 -8.94 -13.76
C ASP C 91 20.44 -10.21 -14.57
N SER C 92 20.45 -11.36 -13.89
CA SER C 92 20.70 -12.64 -14.55
C SER C 92 19.53 -13.13 -15.38
N GLY C 93 18.40 -12.40 -15.40
CA GLY C 93 17.23 -12.81 -16.14
C GLY C 93 16.59 -14.07 -15.62
N LEU C 94 17.28 -14.79 -14.74
CA LEU C 94 16.73 -15.94 -14.07
C LEU C 94 15.93 -15.47 -12.86
N GLY C 95 14.70 -15.94 -12.74
CA GLY C 95 13.96 -15.66 -11.53
C GLY C 95 14.51 -16.51 -10.42
N TYR C 96 13.90 -16.39 -9.24
CA TYR C 96 14.20 -17.34 -8.17
C TYR C 96 13.01 -17.38 -7.24
N LYS C 97 12.36 -18.54 -7.19
CA LYS C 97 11.29 -18.82 -6.25
C LYS C 97 11.78 -19.61 -5.04
N ASP C 98 12.66 -20.57 -5.26
CA ASP C 98 13.13 -21.46 -4.20
C ASP C 98 14.37 -20.89 -3.51
N LEU C 99 14.51 -21.24 -2.24
CA LEU C 99 15.70 -20.95 -1.45
C LEU C 99 16.36 -22.28 -1.13
N ASP C 100 17.40 -22.62 -1.88
CA ASP C 100 18.05 -23.92 -1.79
C ASP C 100 19.27 -23.80 -0.89
N LEU C 101 19.18 -24.41 0.30
CA LEU C 101 20.26 -24.40 1.28
C LEU C 101 20.86 -25.79 1.36
N ILE C 102 22.17 -25.88 1.16
CA ILE C 102 22.88 -27.15 1.19
C ILE C 102 23.76 -27.17 2.44
N PHE C 103 23.52 -28.14 3.32
CA PHE C 103 24.33 -28.36 4.51
C PHE C 103 25.29 -29.50 4.22
N MET C 104 26.58 -29.19 4.17
CA MET C 104 27.61 -30.21 3.96
C MET C 104 27.87 -30.90 5.29
N VAL C 105 27.29 -32.08 5.48
CA VAL C 105 27.32 -32.79 6.74
C VAL C 105 27.89 -34.20 6.52
N ASP C 106 28.18 -34.87 7.63
CA ASP C 106 28.65 -36.24 7.63
C ASP C 106 27.51 -37.15 8.06
N LEU C 107 27.02 -37.96 7.12
CA LEU C 107 25.87 -38.82 7.38
C LEU C 107 26.24 -40.28 7.61
N LYS C 108 27.54 -40.60 7.63
CA LYS C 108 27.97 -41.96 7.91
C LYS C 108 27.83 -42.34 9.38
N GLY C 109 27.44 -41.39 10.24
CA GLY C 109 27.22 -41.67 11.63
C GLY C 109 26.00 -42.54 11.87
N PRO C 110 25.85 -43.06 13.09
CA PRO C 110 24.71 -43.94 13.38
C PRO C 110 23.41 -43.14 13.42
N ASP C 111 22.40 -43.65 12.69
CA ASP C 111 21.07 -43.04 12.65
C ASP C 111 21.13 -41.59 12.16
N ALA C 112 22.12 -41.28 11.30
CA ALA C 112 22.36 -39.90 10.91
C ALA C 112 21.17 -39.29 10.19
N PHE C 113 20.49 -40.06 9.34
CA PHE C 113 19.33 -39.53 8.63
C PHE C 113 18.20 -39.17 9.59
N GLN C 114 17.93 -40.05 10.57
CA GLN C 114 16.87 -39.76 11.53
C GLN C 114 17.24 -38.60 12.46
N VAL C 115 18.53 -38.47 12.81
CA VAL C 115 18.94 -37.34 13.65
C VAL C 115 18.75 -36.03 12.90
N VAL C 116 19.11 -35.99 11.62
CA VAL C 116 18.87 -34.79 10.82
C VAL C 116 17.38 -34.52 10.73
N LYS C 117 16.58 -35.56 10.50
CA LYS C 117 15.13 -35.41 10.43
C LYS C 117 14.58 -34.78 11.71
N HIS C 118 14.88 -35.37 12.86
CA HIS C 118 14.33 -34.88 14.12
C HIS C 118 14.90 -33.53 14.51
N ALA C 119 16.14 -33.22 14.11
CA ALA C 119 16.74 -31.95 14.49
C ALA C 119 16.02 -30.77 13.84
N VAL C 120 15.78 -30.85 12.53
CA VAL C 120 15.12 -29.74 11.83
C VAL C 120 13.67 -29.61 12.26
N LEU C 121 12.97 -30.73 12.46
CA LEU C 121 11.58 -30.67 12.90
C LEU C 121 11.46 -29.95 14.24
N ASN C 122 12.37 -30.25 15.17
CA ASN C 122 12.39 -29.55 16.45
C ASN C 122 12.84 -28.10 16.31
N CYS C 123 13.59 -27.77 15.27
CA CYS C 123 13.97 -26.38 15.03
C CYS C 123 12.75 -25.52 14.73
N LEU C 124 11.81 -26.05 13.96
CA LEU C 124 10.55 -25.34 13.70
C LEU C 124 9.84 -24.97 14.98
N LEU C 125 9.99 -25.77 16.03
CA LEU C 125 9.39 -25.44 17.32
C LEU C 125 9.93 -24.11 17.86
N ASP C 126 11.18 -23.77 17.55
CA ASP C 126 11.74 -22.52 18.04
C ASP C 126 11.09 -21.31 17.38
N PHE C 127 10.76 -21.43 16.10
CA PHE C 127 10.17 -20.34 15.36
C PHE C 127 8.67 -20.18 15.60
N LEU C 128 8.07 -21.02 16.45
CA LEU C 128 6.65 -20.89 16.75
C LEU C 128 6.43 -19.77 17.76
N PRO C 129 5.36 -18.97 17.59
CA PRO C 129 5.04 -17.88 18.52
C PRO C 129 4.57 -18.40 19.88
N VAL C 132 1.15 -21.32 19.65
CA VAL C 132 1.81 -20.49 20.65
C VAL C 132 2.00 -21.27 21.95
N ASN C 133 1.37 -22.44 22.01
CA ASN C 133 1.44 -23.25 23.23
C ASN C 133 2.79 -23.94 23.38
N LYS C 134 3.33 -24.49 22.30
CA LYS C 134 4.58 -25.24 22.30
C LYS C 134 4.54 -26.45 23.23
N GLU C 135 3.35 -26.84 23.67
CA GLU C 135 3.14 -28.02 24.48
C GLU C 135 2.49 -29.10 23.65
N LYS C 136 2.60 -30.34 24.14
CA LYS C 136 1.93 -31.52 23.56
C LYS C 136 2.10 -31.61 22.04
N ILE C 137 3.29 -31.24 21.55
CA ILE C 137 3.62 -31.26 20.13
C ILE C 137 4.61 -32.40 19.87
N THR C 138 4.23 -33.33 18.99
CA THR C 138 5.10 -34.43 18.58
C THR C 138 6.11 -33.93 17.55
N PRO C 139 7.30 -34.54 17.47
CA PRO C 139 8.16 -34.25 16.32
C PRO C 139 7.53 -34.67 15.00
N MET C 140 6.80 -35.80 15.01
CA MET C 140 6.13 -36.28 13.82
C MET C 140 4.97 -35.37 13.41
N THR C 141 4.31 -34.72 14.37
CA THR C 141 3.18 -33.86 14.02
C THR C 141 3.66 -32.58 13.33
N LEU C 142 4.88 -32.13 13.64
CA LEU C 142 5.44 -30.99 12.91
C LEU C 142 5.79 -31.38 11.47
N LYS C 143 6.19 -32.64 11.27
CA LYS C 143 6.49 -33.12 9.92
C LYS C 143 5.28 -33.03 9.02
N GLU C 144 4.14 -33.56 9.47
CA GLU C 144 2.92 -33.51 8.68
C GLU C 144 2.37 -32.09 8.54
N ALA C 145 2.78 -31.17 9.42
CA ALA C 145 2.26 -29.81 9.41
C ALA C 145 3.00 -28.89 8.45
N TYR C 146 4.33 -28.95 8.43
CA TYR C 146 5.14 -28.01 7.67
C TYR C 146 6.01 -28.64 6.60
N VAL C 147 6.36 -29.92 6.73
CA VAL C 147 7.23 -30.56 5.74
C VAL C 147 6.37 -31.10 4.61
N GLN C 148 6.60 -30.61 3.39
CA GLN C 148 5.83 -31.06 2.25
C GLN C 148 6.48 -32.23 1.52
N LYS C 149 7.78 -32.46 1.70
CA LYS C 149 8.43 -33.59 1.04
C LYS C 149 9.67 -34.00 1.82
N LEU C 150 9.92 -35.32 1.83
CA LEU C 150 11.10 -35.89 2.48
C LEU C 150 11.69 -36.95 1.57
N VAL C 151 12.97 -36.80 1.22
CA VAL C 151 13.67 -37.77 0.38
C VAL C 151 14.95 -38.21 1.08
N LYS C 152 15.33 -39.47 0.84
CA LYS C 152 16.51 -40.06 1.44
C LYS C 152 17.23 -40.88 0.38
N VAL C 153 18.54 -40.62 0.22
CA VAL C 153 19.37 -41.34 -0.74
C VAL C 153 20.61 -41.83 -0.02
N CYS C 154 20.79 -43.14 0.04
CA CYS C 154 21.95 -43.76 0.66
C CYS C 154 22.46 -44.83 -0.29
N THR C 155 23.65 -44.61 -0.86
CA THR C 155 24.19 -45.50 -1.88
C THR C 155 25.71 -45.53 -1.74
N GLU C 156 26.35 -46.37 -2.55
CA GLU C 156 27.80 -46.43 -2.57
C GLU C 156 28.42 -45.14 -3.10
N SER C 157 27.69 -44.37 -3.88
CA SER C 157 28.19 -43.14 -4.49
C SER C 157 27.57 -41.87 -3.93
N ASP C 158 26.25 -41.85 -3.70
CA ASP C 158 25.55 -40.66 -3.25
C ASP C 158 24.87 -40.91 -1.92
N ARG C 159 25.10 -40.02 -0.97
CA ARG C 159 24.49 -40.08 0.36
C ARG C 159 24.06 -38.66 0.72
N TRP C 160 22.76 -38.42 0.79
CA TRP C 160 22.26 -37.09 1.09
C TRP C 160 20.77 -37.19 1.46
N SER C 161 20.24 -36.08 1.98
CA SER C 161 18.84 -35.99 2.34
C SER C 161 18.33 -34.59 2.02
N LEU C 162 17.01 -34.49 1.85
CA LEU C 162 16.36 -33.22 1.54
C LEU C 162 15.04 -33.13 2.28
N ILE C 163 14.80 -32.00 2.92
CA ILE C 163 13.56 -31.72 3.62
C ILE C 163 13.01 -30.39 3.13
N SER C 164 11.86 -30.42 2.47
CA SER C 164 11.31 -29.26 1.79
C SER C 164 10.17 -28.65 2.59
N LEU C 165 10.23 -27.33 2.76
CA LEU C 165 9.17 -26.55 3.38
C LEU C 165 8.52 -25.64 2.35
N SER C 166 7.25 -25.33 2.54
CA SER C 166 6.46 -24.60 1.56
C SER C 166 6.37 -23.13 1.93
N ASN C 167 6.72 -22.25 0.99
CA ASN C 167 6.53 -20.82 1.13
C ASN C 167 5.20 -20.34 0.55
N ASN C 168 4.24 -21.27 0.34
CA ASN C 168 2.83 -20.99 0.03
C ASN C 168 2.62 -20.01 -1.12
N SER C 169 3.59 -19.85 -2.01
CA SER C 169 3.39 -19.01 -3.19
C SER C 169 4.06 -19.61 -4.42
N GLY C 170 4.09 -20.94 -4.51
CA GLY C 170 4.93 -21.62 -5.47
C GLY C 170 6.38 -21.68 -5.06
N LYS C 171 6.81 -20.83 -4.13
CA LYS C 171 8.16 -20.85 -3.62
C LYS C 171 8.34 -22.00 -2.63
N ASN C 172 9.52 -22.59 -2.64
CA ASN C 172 9.87 -23.68 -1.73
C ASN C 172 11.19 -23.37 -1.07
N MET C 173 11.30 -23.70 0.21
CA MET C 173 12.57 -23.57 0.94
C MET C 173 13.11 -24.98 1.17
N GLU C 174 14.15 -25.34 0.42
CA GLU C 174 14.70 -26.69 0.43
C GLU C 174 15.92 -26.74 1.34
N LEU C 175 15.85 -27.59 2.37
CA LEU C 175 16.97 -27.83 3.27
C LEU C 175 17.60 -29.15 2.85
N LYS C 176 18.75 -29.06 2.17
CA LYS C 176 19.44 -30.22 1.64
C LYS C 176 20.67 -30.51 2.48
N PHE C 177 20.84 -31.77 2.88
CA PHE C 177 21.94 -32.20 3.75
C PHE C 177 22.75 -33.23 2.97
N VAL C 178 23.90 -32.79 2.44
CA VAL C 178 24.69 -33.58 1.51
C VAL C 178 25.92 -34.12 2.22
N ASP C 179 26.06 -35.44 2.22
CA ASP C 179 27.30 -36.10 2.61
C ASP C 179 28.18 -36.37 1.40
N SER C 180 27.62 -36.99 0.37
CA SER C 180 28.33 -37.26 -0.88
C SER C 180 27.32 -37.16 -2.02
N LEU C 181 27.67 -36.42 -3.06
CA LEU C 181 26.78 -36.23 -4.20
C LEU C 181 27.62 -35.94 -5.43
N ARG C 182 27.49 -36.80 -6.46
CA ARG C 182 28.34 -36.67 -7.64
C ARG C 182 28.03 -35.40 -8.41
N ARG C 183 26.76 -35.17 -8.74
CA ARG C 183 26.36 -34.06 -9.59
C ARG C 183 25.40 -33.15 -8.83
N GLN C 184 25.75 -31.87 -8.74
CA GLN C 184 24.93 -30.86 -8.09
C GLN C 184 24.64 -29.70 -9.04
N PHE C 185 24.48 -29.99 -10.33
CA PHE C 185 24.22 -28.94 -11.29
C PHE C 185 23.51 -29.52 -12.49
N GLU C 186 22.67 -28.68 -13.10
CA GLU C 186 22.05 -28.97 -14.39
C GLU C 186 22.68 -28.15 -15.50
N PHE C 187 22.64 -26.83 -15.37
CA PHE C 187 23.25 -25.92 -16.34
C PHE C 187 24.24 -25.02 -15.62
N SER C 188 25.12 -24.39 -16.40
CA SER C 188 26.18 -23.57 -15.80
C SER C 188 25.61 -22.36 -15.07
N VAL C 189 24.45 -21.84 -15.52
CA VAL C 189 23.92 -20.60 -14.97
C VAL C 189 23.22 -20.78 -13.63
N ASP C 190 22.89 -22.01 -13.23
CA ASP C 190 22.27 -22.27 -11.94
C ASP C 190 23.11 -23.25 -11.11
N SER C 191 24.43 -23.25 -11.34
CA SER C 191 25.33 -24.22 -10.73
C SER C 191 26.18 -23.62 -9.62
N PHE C 192 25.75 -22.50 -9.04
CA PHE C 192 26.55 -21.77 -8.07
C PHE C 192 26.14 -22.13 -6.65
N GLN C 193 27.14 -22.39 -5.80
CA GLN C 193 26.95 -22.56 -4.36
C GLN C 193 27.82 -21.52 -3.65
N ILE C 194 27.19 -20.72 -2.80
CA ILE C 194 27.88 -19.64 -2.09
C ILE C 194 28.00 -20.05 -0.62
N ILE C 195 29.24 -20.22 -0.15
CA ILE C 195 29.46 -20.61 1.23
C ILE C 195 29.03 -19.48 2.15
N LEU C 196 28.20 -19.80 3.15
CA LEU C 196 27.59 -18.82 4.02
C LEU C 196 28.30 -18.66 5.35
N ASP C 197 29.31 -19.50 5.65
CA ASP C 197 29.90 -19.54 6.98
C ASP C 197 30.46 -18.19 7.40
N SER C 198 31.12 -17.49 6.48
CA SER C 198 31.68 -16.18 6.81
C SER C 198 30.60 -15.13 7.06
N MET C 199 29.40 -15.34 6.51
CA MET C 199 28.30 -14.41 6.75
C MET C 199 27.64 -14.65 8.10
N LEU C 200 27.55 -15.92 8.52
CA LEU C 200 26.89 -16.22 9.79
C LEU C 200 27.69 -15.77 10.99
N MET C 201 29.02 -15.82 10.91
CA MET C 201 29.84 -15.37 12.03
C MET C 201 29.88 -13.86 12.14
N PHE C 202 29.52 -13.14 11.08
CA PHE C 202 29.50 -11.68 11.08
C PHE C 202 28.64 -11.12 12.20
N GLU C 207 23.87 -7.69 15.89
CA GLU C 207 24.70 -7.56 14.70
C GLU C 207 24.46 -6.22 14.00
N ASN C 208 25.48 -5.38 13.98
CA ASN C 208 25.42 -4.10 13.32
C ASN C 208 25.30 -4.27 11.80
N PRO C 209 24.86 -3.23 11.08
CA PRO C 209 24.67 -3.37 9.63
C PRO C 209 25.98 -3.45 8.87
N MET C 210 25.90 -4.09 7.70
CA MET C 210 27.04 -4.33 6.83
C MET C 210 27.24 -3.16 5.86
N SER C 211 28.51 -2.85 5.59
CA SER C 211 28.88 -1.72 4.75
C SER C 211 29.95 -2.14 3.74
N GLN C 212 30.28 -1.21 2.85
CA GLN C 212 31.31 -1.47 1.85
C GLN C 212 32.70 -1.53 2.48
N SER C 213 32.99 -0.62 3.41
CA SER C 213 34.27 -0.61 4.10
C SER C 213 34.32 -1.60 5.26
N PHE C 214 33.26 -2.38 5.48
CA PHE C 214 33.24 -3.32 6.60
C PHE C 214 32.22 -4.42 6.24
N HIS C 215 32.73 -5.48 5.62
CA HIS C 215 31.89 -6.61 5.21
C HIS C 215 32.75 -7.85 5.12
N PRO C 216 32.19 -9.04 5.39
CA PRO C 216 32.99 -10.27 5.36
C PRO C 216 33.35 -10.67 3.94
N THR C 217 34.43 -11.45 3.85
CA THR C 217 34.86 -12.04 2.58
C THR C 217 34.13 -13.36 2.37
N VAL C 218 33.55 -13.53 1.18
CA VAL C 218 32.73 -14.69 0.87
C VAL C 218 33.28 -15.37 -0.38
N THR C 219 33.35 -16.70 -0.33
CA THR C 219 33.82 -17.52 -1.44
C THR C 219 32.65 -18.25 -2.06
N GLY C 220 32.58 -18.25 -3.39
CA GLY C 220 31.56 -18.97 -4.12
C GLY C 220 32.16 -20.11 -4.92
N GLU C 221 31.34 -21.13 -5.20
CA GLU C 221 31.76 -22.29 -5.97
C GLU C 221 30.79 -22.54 -7.11
N SER C 222 31.33 -22.89 -8.27
CA SER C 222 30.55 -23.30 -9.43
C SER C 222 30.62 -24.82 -9.51
N MET C 223 29.47 -25.49 -9.29
CA MET C 223 29.43 -26.94 -9.43
C MET C 223 29.62 -27.37 -10.87
N TYR C 224 29.47 -26.44 -11.82
CA TYR C 224 29.75 -26.73 -13.23
C TYR C 224 31.24 -26.92 -13.48
N GLY C 225 32.09 -26.43 -12.58
CA GLY C 225 33.53 -26.68 -12.62
C GLY C 225 34.39 -25.49 -12.97
N ASP C 226 33.81 -24.38 -13.41
CA ASP C 226 34.59 -23.21 -13.79
C ASP C 226 33.76 -21.98 -13.43
N PHE C 227 34.19 -21.25 -12.41
CA PHE C 227 33.40 -20.12 -11.92
C PHE C 227 33.29 -19.01 -12.95
N GLU C 228 34.42 -18.64 -13.58
CA GLU C 228 34.39 -17.53 -14.52
C GLU C 228 33.68 -17.88 -15.82
N GLU C 229 33.82 -19.12 -16.28
CA GLU C 229 33.10 -19.54 -17.47
C GLU C 229 31.60 -19.56 -17.23
N ALA C 230 31.18 -19.99 -16.04
CA ALA C 230 29.76 -19.98 -15.70
C ALA C 230 29.26 -18.56 -15.53
N MET C 231 30.07 -17.68 -14.94
CA MET C 231 29.70 -16.27 -14.86
C MET C 231 29.59 -15.64 -16.24
N ASP C 232 30.37 -16.14 -17.20
CA ASP C 232 30.25 -15.65 -18.57
C ASP C 232 28.92 -16.10 -19.18
N HIS C 233 28.53 -17.35 -18.94
CA HIS C 233 27.23 -17.82 -19.40
C HIS C 233 26.09 -17.08 -18.73
N LEU C 234 26.28 -16.66 -17.47
CA LEU C 234 25.23 -15.93 -16.77
C LEU C 234 25.08 -14.52 -17.31
N ARG C 235 26.21 -13.84 -17.59
CA ARG C 235 26.14 -12.47 -18.09
C ARG C 235 25.69 -12.44 -19.55
N ASN C 236 26.13 -13.43 -20.34
CA ASN C 236 25.83 -13.46 -21.76
C ASN C 236 24.64 -14.35 -22.11
N ARG C 237 24.00 -14.96 -21.11
CA ARG C 237 22.80 -15.77 -21.30
C ARG C 237 23.07 -16.93 -22.26
N ILE C 238 23.89 -17.86 -21.77
CA ILE C 238 24.32 -19.03 -22.53
C ILE C 238 23.78 -20.28 -21.84
N ILE C 239 23.25 -21.20 -22.62
CA ILE C 239 22.81 -22.51 -22.13
C ILE C 239 23.93 -23.51 -22.36
N ALA C 240 24.44 -24.10 -21.29
CA ALA C 240 25.51 -25.09 -21.39
C ALA C 240 25.35 -26.09 -20.26
N THR C 241 25.82 -27.31 -20.51
CA THR C 241 25.72 -28.40 -19.55
C THR C 241 26.81 -29.40 -19.86
N ARG C 242 26.85 -30.48 -19.07
CA ARG C 242 27.79 -31.55 -19.31
C ARG C 242 27.07 -32.88 -19.12
N ASN C 243 27.20 -33.78 -20.10
CA ASN C 243 26.53 -35.07 -20.10
C ASN C 243 25.02 -34.92 -19.89
N PRO C 244 24.28 -34.45 -20.91
CA PRO C 244 22.83 -34.26 -20.74
C PRO C 244 22.08 -35.56 -20.46
N GLU C 245 22.71 -36.73 -20.63
CA GLU C 245 22.05 -37.96 -20.24
C GLU C 245 21.90 -38.05 -18.73
N GLU C 246 22.75 -37.34 -17.97
CA GLU C 246 22.58 -37.29 -16.53
C GLU C 246 21.47 -36.33 -16.14
N ILE C 247 21.11 -35.42 -17.04
CA ILE C 247 19.98 -34.52 -16.82
C ILE C 247 18.71 -35.35 -16.74
N ARG C 248 17.85 -35.04 -15.77
CA ARG C 248 16.63 -35.81 -15.64
C ARG C 248 15.61 -35.35 -16.67
N GLY C 249 14.45 -36.03 -16.70
CA GLY C 249 13.42 -35.68 -17.65
C GLY C 249 12.95 -34.24 -17.49
N GLY C 250 12.90 -33.75 -16.26
CA GLY C 250 12.52 -32.37 -16.02
C GLY C 250 13.52 -31.34 -16.52
N GLY C 251 14.74 -31.78 -16.86
CA GLY C 251 15.71 -30.86 -17.43
C GLY C 251 15.24 -30.23 -18.72
N LEU C 252 14.47 -30.97 -19.51
CA LEU C 252 13.88 -30.40 -20.72
C LEU C 252 12.96 -29.25 -20.38
N LEU C 253 12.20 -29.38 -19.29
CA LEU C 253 11.28 -28.32 -18.88
C LEU C 253 12.04 -27.08 -18.44
N LYS C 254 13.12 -27.27 -17.67
CA LYS C 254 13.96 -26.13 -17.28
C LYS C 254 14.67 -25.55 -18.50
N TYR C 255 15.08 -26.40 -19.44
CA TYR C 255 15.76 -25.93 -20.65
C TYR C 255 14.88 -24.95 -21.42
N CYS C 256 13.62 -25.32 -21.66
CA CYS C 256 12.72 -24.42 -22.37
C CYS C 256 12.44 -23.16 -21.58
N ASN C 257 12.46 -23.24 -20.25
CA ASN C 257 12.36 -22.05 -19.42
C ASN C 257 13.53 -21.11 -19.67
N LEU C 258 14.73 -21.66 -19.85
CA LEU C 258 15.88 -20.83 -20.16
C LEU C 258 15.74 -20.18 -21.53
N LEU C 259 15.18 -20.91 -22.50
CA LEU C 259 15.02 -20.35 -23.85
C LEU C 259 14.07 -19.16 -23.87
N VAL C 260 12.93 -19.27 -23.19
CA VAL C 260 11.98 -18.17 -23.17
C VAL C 260 12.54 -16.95 -22.45
N ARG C 261 13.46 -17.16 -21.50
CA ARG C 261 14.06 -16.07 -20.75
C ARG C 261 15.24 -15.42 -21.47
N GLY C 262 15.50 -15.80 -22.72
CA GLY C 262 16.55 -15.19 -23.51
C GLY C 262 17.86 -15.95 -23.55
N PHE C 263 17.95 -17.07 -22.85
CA PHE C 263 19.15 -17.90 -22.90
C PHE C 263 19.14 -18.77 -24.16
N ARG C 264 20.30 -18.90 -24.78
CA ARG C 264 20.47 -19.64 -26.02
C ARG C 264 21.69 -20.55 -25.91
N PRO C 265 21.67 -21.70 -26.58
CA PRO C 265 22.87 -22.55 -26.61
C PRO C 265 24.02 -21.84 -27.28
N LYS C 266 25.23 -22.28 -26.95
CA LYS C 266 26.43 -21.58 -27.41
C LYS C 266 26.67 -21.77 -28.90
N SER C 267 26.17 -22.86 -29.49
CA SER C 267 26.32 -23.09 -30.92
C SER C 267 25.15 -23.95 -31.41
N GLU C 268 25.02 -24.04 -32.73
CA GLU C 268 23.94 -24.82 -33.32
C GLU C 268 24.13 -26.31 -33.06
N VAL C 269 25.37 -26.80 -33.14
CA VAL C 269 25.63 -28.22 -32.90
C VAL C 269 25.33 -28.60 -31.46
N ASP C 270 25.74 -27.75 -30.51
CA ASP C 270 25.42 -28.02 -29.11
C ASP C 270 23.92 -28.00 -28.85
N MET C 271 23.17 -27.19 -29.59
CA MET C 271 21.72 -27.14 -29.41
C MET C 271 21.09 -28.47 -29.81
N LYS C 272 21.44 -29.00 -30.99
CA LYS C 272 20.85 -30.26 -31.42
C LYS C 272 21.26 -31.40 -30.51
N THR C 273 22.51 -31.41 -30.05
CA THR C 273 22.96 -32.44 -29.12
C THR C 273 22.20 -32.36 -27.81
N MET C 274 22.18 -31.17 -27.21
CA MET C 274 21.49 -30.98 -25.93
C MET C 274 20.02 -31.38 -26.04
N GLN C 275 19.33 -30.90 -27.08
CA GLN C 275 17.91 -31.19 -27.22
C GLN C 275 17.65 -32.67 -27.50
N ARG C 276 18.54 -33.31 -28.25
CA ARG C 276 18.40 -34.74 -28.52
C ARG C 276 18.43 -35.55 -27.23
N TYR C 277 19.38 -35.25 -26.35
CA TYR C 277 19.51 -36.01 -25.11
C TYR C 277 18.40 -35.68 -24.12
N MET C 278 18.04 -34.40 -23.98
CA MET C 278 17.03 -34.02 -23.00
C MET C 278 15.66 -34.54 -23.38
N CYS C 279 15.34 -34.54 -24.67
CA CYS C 279 14.06 -35.12 -25.11
C CYS C 279 14.04 -36.62 -24.90
N SER C 280 15.15 -37.29 -25.17
CA SER C 280 15.21 -38.74 -25.00
C SER C 280 14.97 -39.15 -23.56
N ARG C 281 15.60 -38.45 -22.60
CA ARG C 281 15.39 -38.80 -21.20
C ARG C 281 14.00 -38.40 -20.73
N TYR C 282 13.43 -37.34 -21.31
CA TYR C 282 12.07 -36.93 -20.94
C TYR C 282 11.07 -38.03 -21.19
N PHE C 283 11.12 -38.66 -22.38
CA PHE C 283 10.18 -39.72 -22.69
C PHE C 283 10.50 -41.00 -21.92
N ILE C 284 11.77 -41.21 -21.58
CA ILE C 284 12.13 -42.37 -20.76
C ILE C 284 11.54 -42.23 -19.37
N ASP C 285 11.70 -41.06 -18.76
CA ASP C 285 11.23 -40.84 -17.39
C ASP C 285 9.71 -40.67 -17.33
N PHE C 286 9.10 -40.10 -18.37
CA PHE C 286 7.66 -39.84 -18.39
C PHE C 286 7.07 -40.39 -19.67
N PRO C 287 6.97 -41.72 -19.78
CA PRO C 287 6.41 -42.30 -21.02
C PRO C 287 4.91 -42.09 -21.13
N ASP C 288 4.18 -42.21 -20.04
CA ASP C 288 2.73 -42.07 -20.06
C ASP C 288 2.33 -40.63 -20.32
N ILE C 289 1.45 -40.43 -21.30
CA ILE C 289 0.97 -39.09 -21.62
C ILE C 289 0.23 -38.48 -20.43
N ARG C 290 -0.38 -39.33 -19.59
CA ARG C 290 -1.00 -38.83 -18.37
C ARG C 290 0.05 -38.31 -17.40
N GLU C 291 1.21 -38.97 -17.34
CA GLU C 291 2.31 -38.46 -16.53
C GLU C 291 2.89 -37.18 -17.11
N GLN C 292 2.98 -37.10 -18.44
CA GLN C 292 3.47 -35.88 -19.07
C GLN C 292 2.52 -34.72 -18.79
N GLN C 293 1.22 -34.96 -18.89
CA GLN C 293 0.24 -33.90 -18.65
C GLN C 293 0.28 -33.40 -17.22
N ARG C 294 0.40 -34.30 -16.25
CA ARG C 294 0.42 -33.90 -14.85
C ARG C 294 1.65 -33.06 -14.53
N LYS C 295 2.82 -33.52 -15.00
CA LYS C 295 4.06 -32.80 -14.70
C LYS C 295 4.09 -31.45 -15.41
N LEU C 296 3.59 -31.39 -16.64
CA LEU C 296 3.58 -30.13 -17.37
C LEU C 296 2.61 -29.15 -16.74
N LYS C 297 1.45 -29.62 -16.28
CA LYS C 297 0.53 -28.76 -15.55
C LYS C 297 1.17 -28.24 -14.26
N CYS C 298 1.90 -29.11 -13.56
CA CYS C 298 2.57 -28.68 -12.33
C CYS C 298 3.65 -27.66 -12.61
N TYR C 299 4.44 -27.87 -13.66
CA TYR C 299 5.51 -26.92 -13.99
C TYR C 299 4.94 -25.56 -14.36
N LEU C 300 3.85 -25.54 -15.13
CA LEU C 300 3.25 -24.26 -15.52
C LEU C 300 2.71 -23.50 -14.31
N GLN C 301 2.14 -24.23 -13.34
CA GLN C 301 1.56 -23.56 -12.18
C GLN C 301 2.62 -22.96 -11.26
N ASP C 302 3.79 -23.59 -11.16
CA ASP C 302 4.79 -23.19 -10.19
C ASP C 302 5.75 -22.13 -10.70
N HIS C 303 6.01 -22.08 -12.00
CA HIS C 303 7.09 -21.27 -12.55
C HIS C 303 6.60 -20.03 -13.29
N PHE C 304 5.31 -19.71 -13.22
CA PHE C 304 4.74 -18.57 -13.93
C PHE C 304 3.74 -17.83 -13.04
N VAL C 305 4.09 -17.62 -11.78
CA VAL C 305 3.16 -16.98 -10.85
C VAL C 305 2.97 -15.50 -11.21
N GLY C 306 4.04 -14.83 -11.62
CA GLY C 306 3.97 -13.44 -12.02
C GLY C 306 3.86 -13.21 -13.51
N MET C 307 3.74 -14.27 -14.31
CA MET C 307 3.79 -14.16 -15.76
C MET C 307 2.98 -15.29 -16.39
N GLU C 308 1.69 -15.35 -16.05
CA GLU C 308 0.83 -16.40 -16.60
C GLU C 308 0.67 -16.28 -18.11
N ASP C 309 0.76 -15.06 -18.64
CA ASP C 309 0.65 -14.88 -20.08
C ASP C 309 1.84 -15.50 -20.81
N LYS C 310 3.02 -15.49 -20.18
CA LYS C 310 4.21 -16.06 -20.79
C LYS C 310 4.16 -17.58 -20.88
N ARG C 311 3.15 -18.22 -20.28
CA ARG C 311 3.02 -19.67 -20.38
C ARG C 311 2.83 -20.11 -21.83
N TYR C 312 2.10 -19.31 -22.62
CA TYR C 312 1.91 -19.64 -24.03
C TYR C 312 3.24 -19.67 -24.76
N ASP C 313 4.06 -18.63 -24.57
CA ASP C 313 5.38 -18.59 -25.19
C ASP C 313 6.21 -19.80 -24.77
N TYR C 314 6.09 -20.20 -23.51
CA TYR C 314 6.83 -21.37 -23.02
C TYR C 314 6.38 -22.64 -23.72
N LEU C 315 5.05 -22.85 -23.82
CA LEU C 315 4.54 -24.06 -24.43
C LEU C 315 4.90 -24.14 -25.91
N MET C 316 4.89 -23.00 -26.60
CA MET C 316 5.33 -22.99 -27.99
C MET C 316 6.82 -23.33 -28.10
N THR C 317 7.62 -22.87 -27.14
CA THR C 317 9.03 -23.23 -27.10
C THR C 317 9.18 -24.74 -26.86
N LEU C 318 8.47 -25.27 -25.86
CA LEU C 318 8.52 -26.70 -25.59
C LEU C 318 8.01 -27.51 -26.77
N HIS C 319 6.92 -27.05 -27.39
CA HIS C 319 6.40 -27.74 -28.57
C HIS C 319 7.44 -27.79 -29.68
N GLN C 320 8.13 -26.68 -29.92
CA GLN C 320 9.14 -26.64 -30.98
C GLN C 320 10.29 -27.58 -30.67
N VAL C 321 10.79 -27.56 -29.43
CA VAL C 321 11.93 -28.39 -29.07
C VAL C 321 11.59 -29.86 -29.25
N VAL C 322 10.44 -30.28 -28.72
CA VAL C 322 10.00 -31.66 -28.90
C VAL C 322 9.84 -31.99 -30.37
N ASN C 323 9.24 -31.06 -31.13
CA ASN C 323 8.96 -31.33 -32.54
C ASN C 323 10.23 -31.48 -33.37
N GLU C 324 11.29 -30.75 -33.02
CA GLU C 324 12.48 -30.70 -33.86
C GLU C 324 13.61 -31.61 -33.40
N SER C 325 13.51 -32.21 -32.22
CA SER C 325 14.63 -32.96 -31.66
C SER C 325 14.30 -34.35 -31.13
N THR C 326 13.06 -34.82 -31.25
CA THR C 326 12.71 -36.16 -30.75
C THR C 326 13.17 -37.21 -31.76
N VAL C 327 14.48 -37.42 -31.79
CA VAL C 327 15.09 -38.39 -32.69
C VAL C 327 14.49 -39.78 -32.51
N CYS C 328 14.31 -40.49 -33.61
CA CYS C 328 13.92 -41.90 -33.68
C CYS C 328 12.61 -42.22 -32.96
N LEU C 329 11.83 -41.24 -32.54
CA LEU C 329 10.53 -41.53 -31.96
C LEU C 329 9.52 -41.84 -33.07
N MET C 330 8.31 -42.21 -32.67
CA MET C 330 7.26 -42.58 -33.61
C MET C 330 6.28 -41.42 -33.79
N GLY C 331 5.60 -41.42 -34.94
CA GLY C 331 4.74 -40.30 -35.28
C GLY C 331 3.59 -40.11 -34.31
N HIS C 332 2.94 -41.21 -33.91
CA HIS C 332 1.85 -41.10 -32.94
C HIS C 332 2.35 -40.65 -31.58
N GLU C 333 3.50 -41.19 -31.14
CA GLU C 333 4.08 -40.75 -29.87
C GLU C 333 4.42 -39.27 -29.90
N ARG C 334 5.11 -38.84 -30.96
CA ARG C 334 5.46 -37.43 -31.10
C ARG C 334 4.22 -36.55 -31.15
N ARG C 335 3.23 -36.94 -31.96
CA ARG C 335 2.02 -36.14 -32.09
C ARG C 335 1.19 -36.12 -30.81
N GLN C 336 1.20 -37.21 -30.04
CA GLN C 336 0.48 -37.22 -28.77
C GLN C 336 1.01 -36.15 -27.83
N THR C 337 2.33 -36.07 -27.67
CA THR C 337 2.91 -35.09 -26.77
C THR C 337 2.74 -33.68 -27.33
N LEU C 338 2.98 -33.50 -28.63
CA LEU C 338 2.79 -32.20 -29.26
C LEU C 338 1.34 -31.73 -29.14
N ALA C 339 0.38 -32.65 -29.27
CA ALA C 339 -1.02 -32.28 -29.14
C ALA C 339 -1.35 -31.84 -27.72
N LEU C 340 -0.79 -32.55 -26.73
CA LEU C 340 -0.97 -32.15 -25.34
C LEU C 340 -0.43 -30.74 -25.11
N ILE C 341 0.78 -30.48 -25.59
CA ILE C 341 1.40 -29.16 -25.41
C ILE C 341 0.57 -28.09 -26.10
N ALA C 342 0.18 -28.35 -27.35
CA ALA C 342 -0.64 -27.39 -28.09
C ALA C 342 -1.98 -27.16 -27.40
N SER C 343 -2.57 -28.22 -26.83
CA SER C 343 -3.84 -28.07 -26.13
C SER C 343 -3.70 -27.20 -24.89
N LEU C 344 -2.57 -27.32 -24.18
CA LEU C 344 -2.36 -26.48 -23.01
C LEU C 344 -2.15 -25.02 -23.41
N ALA C 345 -1.49 -24.78 -24.54
CA ALA C 345 -1.31 -23.41 -25.01
C ALA C 345 -2.64 -22.78 -25.41
N VAL C 346 -3.52 -23.57 -26.02
CA VAL C 346 -4.86 -23.10 -26.36
C VAL C 346 -5.61 -22.71 -25.09
N HIS C 347 -5.48 -23.51 -24.03
CA HIS C 347 -6.15 -23.20 -22.77
C HIS C 347 -5.67 -21.87 -22.19
N VAL C 348 -4.38 -21.58 -22.32
CA VAL C 348 -3.85 -20.31 -21.84
C VAL C 348 -4.47 -19.14 -22.62
N LEU C 349 -4.52 -19.28 -23.95
CA LEU C 349 -5.15 -18.24 -24.77
C LEU C 349 -6.63 -18.10 -24.47
N SER C 350 -7.30 -19.22 -24.18
CA SER C 350 -8.74 -19.21 -23.94
C SER C 350 -9.14 -18.49 -22.66
N GLU C 351 -8.18 -18.10 -21.82
CA GLU C 351 -8.49 -17.39 -20.59
C GLU C 351 -8.85 -15.93 -20.85
N GLN C 352 -8.44 -15.38 -21.98
CA GLN C 352 -8.68 -13.98 -22.32
C GLN C 352 -9.91 -13.87 -23.21
N ASN C 353 -10.65 -12.76 -23.05
CA ASN C 353 -11.88 -12.50 -23.80
C ASN C 353 -12.88 -13.65 -23.65
N HIS C 354 -13.19 -13.99 -22.40
CA HIS C 354 -14.12 -15.07 -22.11
C HIS C 354 -15.50 -14.53 -21.78
#